data_8U3N
#
_entry.id   8U3N
#
_cell.length_a   61.078
_cell.length_b   95.748
_cell.length_c   105.217
_cell.angle_alpha   90.000
_cell.angle_beta   92.630
_cell.angle_gamma   90.000
#
_symmetry.space_group_name_H-M   'P 1 21 1'
#
loop_
_entity.id
_entity.type
_entity.pdbx_description
1 polymer 'Cytochrome P450-SU1'
2 non-polymer 'PROTOPORPHYRIN IX CONTAINING FE'
3 non-polymer beta-D-glucopyranose
4 non-polymer 'POTASSIUM ION'
5 non-polymer 'THIOCYANATE ION'
6 water water
#
_entity_poly.entity_id   1
_entity_poly.type   'polypeptide(L)'
_entity_poly.pdbx_seq_one_letter_code
;MGSSHHHHHHSSGLVPRGSHMMADEATAAVRDPIYDPLAPSVIADPYPFYRKLRETNTVHWHEFLDSWVVTGYAECRQVL
GDTTNFGSDFRRIDVEIPDTQLSVQSLDPPEHGAIRHLLVSALHEQPLSTVRQQFAAIAAQHLAELSGQPGTVDLVSRFA
RPVALRTITAFLGVPPPDGAGFEQWSNAIVRSMDAGIEPARAEPGNQARAELSRLVTHWLAEADERGFVGAARRAARAQD
VPAAVLANSLRAVLHAGYESVSRLLGGVLARLVRHPELLAGPATRDADEALVDELIRLDGPVQADARVCVRDQPVGAQLV
RRGDVLVLFIAAANRDPAVFPDPDAVRLTRRRGLHLAFGRGAHACLGAGLATLQLREVLGALRAGGLRLAPAGPAAYEPT
ATLRGLAELPVSVRAPHRTD
;
_entity_poly.pdbx_strand_id   A,B,C
#
# COMPACT_ATOMS: atom_id res chain seq x y z
N TYR A 35 8.90 -19.68 -35.49
CA TYR A 35 7.49 -20.04 -35.20
C TYR A 35 6.65 -18.87 -34.63
N ASP A 36 5.33 -18.96 -34.84
CA ASP A 36 4.39 -17.93 -34.40
C ASP A 36 3.88 -18.31 -33.01
N PRO A 37 4.29 -17.61 -31.95
CA PRO A 37 3.92 -18.06 -30.58
C PRO A 37 2.43 -18.13 -30.34
N LEU A 38 1.61 -17.41 -31.13
CA LEU A 38 0.17 -17.41 -30.93
C LEU A 38 -0.54 -18.34 -31.91
N ALA A 39 0.20 -19.08 -32.72
CA ALA A 39 -0.41 -20.07 -33.59
C ALA A 39 -1.12 -21.13 -32.75
N PRO A 40 -2.32 -21.57 -33.18
CA PRO A 40 -3.06 -22.56 -32.38
C PRO A 40 -2.26 -23.81 -32.02
N SER A 41 -1.50 -24.36 -32.97
CA SER A 41 -0.74 -25.57 -32.68
C SER A 41 0.40 -25.29 -31.73
N VAL A 42 0.96 -24.07 -31.78
CA VAL A 42 1.96 -23.71 -30.79
C VAL A 42 1.31 -23.58 -29.43
N ILE A 43 0.20 -22.84 -29.36
CA ILE A 43 -0.52 -22.64 -28.10
C ILE A 43 -0.97 -23.98 -27.53
N ALA A 44 -1.23 -24.96 -28.38
CA ALA A 44 -1.69 -26.27 -27.91
C ALA A 44 -0.60 -26.97 -27.11
N ASP A 45 0.65 -26.81 -27.51
CA ASP A 45 1.78 -27.41 -26.83
C ASP A 45 3.06 -26.73 -27.32
N PRO A 46 3.52 -25.66 -26.66
CA PRO A 46 4.70 -24.94 -27.17
C PRO A 46 6.03 -25.63 -26.91
N TYR A 47 6.08 -26.62 -26.01
CA TYR A 47 7.36 -27.11 -25.53
C TYR A 47 8.19 -27.78 -26.62
N PRO A 48 7.62 -28.53 -27.57
CA PRO A 48 8.47 -28.97 -28.70
C PRO A 48 9.11 -27.81 -29.42
N PHE A 49 8.39 -26.69 -29.53
CA PHE A 49 8.89 -25.53 -30.23
C PHE A 49 10.01 -24.87 -29.45
N TYR A 50 9.85 -24.80 -28.12
CA TYR A 50 10.95 -24.39 -27.25
C TYR A 50 12.19 -25.25 -27.48
N ARG A 51 12.00 -26.57 -27.47
CA ARG A 51 13.15 -27.48 -27.60
C ARG A 51 13.84 -27.35 -28.95
N LYS A 52 13.08 -27.34 -30.04
CA LYS A 52 13.71 -27.14 -31.34
C LYS A 52 14.45 -25.81 -31.39
N LEU A 53 13.85 -24.75 -30.82
CA LEU A 53 14.59 -23.48 -30.74
C LEU A 53 15.92 -23.69 -30.04
N ARG A 54 15.89 -24.39 -28.89
CA ARG A 54 17.09 -24.56 -28.07
C ARG A 54 18.11 -25.45 -28.76
N GLU A 55 17.65 -26.48 -29.48
CA GLU A 55 18.59 -27.40 -30.10
C GLU A 55 19.34 -26.74 -31.25
N THR A 56 18.75 -25.72 -31.88
CA THR A 56 19.46 -24.98 -32.91
C THR A 56 20.28 -23.84 -32.29
N ASN A 57 19.73 -23.16 -31.28
CA ASN A 57 20.54 -22.13 -30.62
C ASN A 57 19.93 -21.68 -29.31
N THR A 58 20.66 -21.87 -28.20
CA THR A 58 20.13 -21.53 -26.89
C THR A 58 19.90 -20.04 -26.74
N VAL A 59 20.61 -19.20 -27.48
CA VAL A 59 20.40 -17.77 -27.48
C VAL A 59 20.18 -17.36 -28.94
N HIS A 60 18.93 -17.05 -29.28
CA HIS A 60 18.51 -16.88 -30.66
C HIS A 60 17.99 -15.48 -30.90
N TRP A 61 18.50 -14.83 -31.94
CA TRP A 61 18.01 -13.51 -32.31
C TRP A 61 16.77 -13.64 -33.17
N HIS A 62 15.67 -13.04 -32.70
CA HIS A 62 14.40 -13.03 -33.41
C HIS A 62 14.27 -11.66 -34.05
N GLU A 63 14.48 -11.59 -35.37
CA GLU A 63 14.59 -10.29 -36.01
C GLU A 63 13.27 -9.55 -36.01
N PHE A 64 12.17 -10.27 -36.21
CA PHE A 64 10.86 -9.64 -36.33
C PHE A 64 10.28 -9.24 -35.00
N LEU A 65 10.75 -9.84 -33.91
CA LEU A 65 10.46 -9.36 -32.58
C LEU A 65 11.55 -8.41 -32.06
N ASP A 66 12.72 -8.39 -32.72
CA ASP A 66 13.83 -7.52 -32.35
C ASP A 66 14.24 -7.78 -30.89
N SER A 67 14.42 -9.06 -30.57
CA SER A 67 14.83 -9.45 -29.23
C SER A 67 15.59 -10.77 -29.28
N TRP A 68 16.51 -10.94 -28.34
CA TRP A 68 17.12 -12.24 -28.12
C TRP A 68 16.10 -13.16 -27.46
N VAL A 69 16.06 -14.41 -27.90
CA VAL A 69 15.22 -15.43 -27.29
C VAL A 69 16.16 -16.45 -26.66
N VAL A 70 16.03 -16.63 -25.34
CA VAL A 70 16.99 -17.38 -24.54
C VAL A 70 16.27 -18.59 -23.98
N THR A 71 16.62 -19.77 -24.47
CA THR A 71 15.96 -21.01 -24.08
C THR A 71 16.85 -21.95 -23.29
N GLY A 72 18.15 -21.65 -23.15
CA GLY A 72 19.04 -22.50 -22.39
C GLY A 72 19.00 -22.22 -20.90
N TYR A 73 19.16 -23.28 -20.11
CA TYR A 73 19.06 -23.12 -18.67
C TYR A 73 20.16 -22.18 -18.14
N ALA A 74 21.41 -22.42 -18.55
CA ALA A 74 22.51 -21.61 -18.03
C ALA A 74 22.34 -20.14 -18.40
N GLU A 75 21.86 -19.89 -19.61
CA GLU A 75 21.73 -18.51 -20.08
C GLU A 75 20.60 -17.78 -19.36
N CYS A 76 19.44 -18.39 -19.23
CA CYS A 76 18.38 -17.75 -18.47
C CYS A 76 18.83 -17.48 -17.04
N ARG A 77 19.46 -18.46 -16.41
CA ARG A 77 19.91 -18.32 -15.03
C ARG A 77 20.96 -17.20 -14.90
N GLN A 78 21.88 -17.13 -15.86
CA GLN A 78 22.88 -16.06 -15.86
C GLN A 78 22.22 -14.69 -15.94
N VAL A 79 21.30 -14.52 -16.88
CA VAL A 79 20.74 -13.20 -17.14
C VAL A 79 19.83 -12.77 -16.01
N LEU A 80 19.02 -13.71 -15.49
CA LEU A 80 18.06 -13.37 -14.46
C LEU A 80 18.74 -12.75 -13.26
N GLY A 81 19.88 -13.29 -12.87
CA GLY A 81 20.51 -12.84 -11.64
C GLY A 81 21.41 -11.65 -11.74
N ASP A 82 21.71 -11.19 -12.94
CA ASP A 82 22.70 -10.15 -13.20
C ASP A 82 21.96 -8.85 -13.52
N THR A 83 21.66 -8.08 -12.48
CA THR A 83 21.05 -6.77 -12.66
C THR A 83 22.07 -5.70 -12.99
N THR A 84 23.36 -6.04 -13.01
CA THR A 84 24.38 -5.06 -13.39
C THR A 84 24.42 -4.86 -14.90
N ASN A 85 24.28 -5.95 -15.67
CA ASN A 85 24.35 -5.90 -17.13
C ASN A 85 23.01 -6.11 -17.82
N PHE A 86 22.00 -6.68 -17.11
CA PHE A 86 20.66 -6.89 -17.67
C PHE A 86 19.64 -6.42 -16.64
N GLY A 87 18.62 -5.68 -17.08
CA GLY A 87 17.77 -5.01 -16.13
C GLY A 87 16.30 -5.00 -16.55
N SER A 88 15.48 -4.52 -15.60
CA SER A 88 14.05 -4.37 -15.79
C SER A 88 13.59 -2.94 -15.85
N ASP A 89 14.47 -1.99 -15.56
CA ASP A 89 14.13 -0.55 -15.59
C ASP A 89 14.69 0.03 -16.89
N PHE A 90 13.81 0.25 -17.87
CA PHE A 90 14.27 0.71 -19.17
C PHE A 90 14.86 2.11 -19.13
N ARG A 91 14.72 2.82 -18.01
CA ARG A 91 15.42 4.10 -17.85
C ARG A 91 16.92 3.92 -17.84
N ARG A 92 17.41 2.72 -17.52
CA ARG A 92 18.86 2.49 -17.57
C ARG A 92 19.40 2.47 -18.99
N ILE A 93 18.53 2.47 -20.01
CA ILE A 93 18.96 2.66 -21.40
C ILE A 93 18.32 3.94 -21.92
N ASP A 94 18.11 4.90 -21.03
CA ASP A 94 17.74 6.26 -21.40
C ASP A 94 16.33 6.34 -21.99
N VAL A 95 15.45 5.43 -21.61
CA VAL A 95 14.04 5.48 -21.99
C VAL A 95 13.25 6.24 -20.93
N GLU A 96 12.44 7.19 -21.37
CA GLU A 96 11.62 7.98 -20.45
C GLU A 96 10.48 7.13 -19.94
N ILE A 97 10.46 6.86 -18.65
CA ILE A 97 9.36 6.19 -17.96
C ILE A 97 8.85 7.15 -16.91
N PRO A 98 7.59 7.59 -16.94
CA PRO A 98 7.12 8.51 -15.90
C PRO A 98 7.21 7.90 -14.51
N ASP A 99 7.50 8.76 -13.53
CA ASP A 99 7.57 8.30 -12.15
C ASP A 99 6.26 7.65 -11.71
N THR A 100 5.14 8.06 -12.30
CA THR A 100 3.84 7.52 -11.89
C THR A 100 3.70 6.05 -12.26
N GLN A 101 4.53 5.54 -13.16
CA GLN A 101 4.40 4.17 -13.65
C GLN A 101 5.39 3.21 -13.00
N LEU A 102 6.25 3.68 -12.11
CA LEU A 102 7.26 2.82 -11.52
C LEU A 102 6.63 1.81 -10.56
N SER A 103 7.19 0.60 -10.57
CA SER A 103 6.69 -0.51 -9.77
C SER A 103 7.88 -1.40 -9.41
N VAL A 104 7.71 -2.18 -8.35
CA VAL A 104 8.78 -3.04 -7.87
C VAL A 104 9.36 -3.86 -9.02
N GLN A 105 8.50 -4.36 -9.91
CA GLN A 105 8.97 -5.30 -10.92
C GLN A 105 9.70 -4.61 -12.05
N SER A 106 9.61 -3.29 -12.13
CA SER A 106 10.29 -2.51 -13.14
C SER A 106 11.38 -1.61 -12.56
N LEU A 107 11.77 -1.83 -11.32
CA LEU A 107 12.85 -1.10 -10.68
C LEU A 107 14.03 -2.02 -10.43
N ASP A 108 15.23 -1.47 -10.54
CA ASP A 108 16.47 -2.19 -10.25
C ASP A 108 17.17 -1.47 -9.10
N PRO A 109 18.19 -2.08 -8.51
CA PRO A 109 18.93 -1.37 -7.44
C PRO A 109 19.45 -0.03 -7.96
N PRO A 110 19.46 1.00 -7.11
CA PRO A 110 19.11 0.98 -5.68
C PRO A 110 17.63 1.17 -5.32
N GLU A 111 16.82 1.74 -6.22
CA GLU A 111 15.42 2.00 -5.87
C GLU A 111 14.63 0.72 -5.61
N HIS A 112 15.06 -0.40 -6.19
CA HIS A 112 14.30 -1.62 -6.04
C HIS A 112 14.33 -2.12 -4.60
N GLY A 113 15.45 -1.93 -3.89
CA GLY A 113 15.56 -2.51 -2.56
C GLY A 113 14.54 -1.96 -1.58
N ALA A 114 14.25 -0.66 -1.66
CA ALA A 114 13.34 -0.05 -0.70
C ALA A 114 11.96 -0.71 -0.75
N ILE A 115 11.35 -0.75 -1.93
CA ILE A 115 10.01 -1.31 -2.05
C ILE A 115 10.05 -2.83 -1.89
N ARG A 116 11.12 -3.47 -2.38
CA ARG A 116 11.21 -4.92 -2.31
C ARG A 116 11.15 -5.39 -0.87
N HIS A 117 12.04 -4.87 -0.03
CA HIS A 117 12.09 -5.31 1.35
C HIS A 117 10.91 -4.81 2.15
N LEU A 118 10.26 -3.75 1.69
CA LEU A 118 8.99 -3.35 2.29
C LEU A 118 7.95 -4.45 2.09
N LEU A 119 7.86 -4.94 0.87
CA LEU A 119 6.89 -5.99 0.60
C LEU A 119 7.26 -7.28 1.33
N VAL A 120 8.55 -7.62 1.35
CA VAL A 120 8.94 -8.87 1.98
C VAL A 120 8.69 -8.79 3.47
N SER A 121 8.93 -7.61 4.06
CA SER A 121 8.68 -7.43 5.48
C SER A 121 7.21 -7.58 5.80
N ALA A 122 6.32 -6.98 4.98
CA ALA A 122 4.89 -7.16 5.17
C ALA A 122 4.47 -8.63 5.01
N LEU A 123 5.07 -9.32 4.05
CA LEU A 123 4.82 -10.74 3.88
C LEU A 123 5.16 -11.50 5.15
N HIS A 124 6.35 -11.21 5.71
CA HIS A 124 6.85 -11.94 6.86
C HIS A 124 6.09 -11.64 8.14
N GLU A 125 5.30 -10.58 8.17
CA GLU A 125 4.41 -10.36 9.30
C GLU A 125 3.18 -11.26 9.29
N GLN A 126 2.88 -11.95 8.20
CA GLN A 126 1.68 -12.77 8.15
C GLN A 126 1.96 -14.13 8.77
N PRO A 127 1.37 -14.45 9.92
CA PRO A 127 1.63 -15.77 10.52
C PRO A 127 1.27 -16.87 9.54
N LEU A 128 2.20 -17.80 9.33
CA LEU A 128 2.01 -18.83 8.33
C LEU A 128 0.95 -19.82 8.75
N SER A 129 0.75 -20.02 10.06
CA SER A 129 -0.29 -20.90 10.53
C SER A 129 -1.65 -20.41 10.05
N THR A 130 -1.89 -19.10 10.12
CA THR A 130 -3.14 -18.53 9.63
C THR A 130 -3.25 -18.68 8.12
N VAL A 131 -2.18 -18.32 7.40
CA VAL A 131 -2.20 -18.40 5.94
C VAL A 131 -2.55 -19.81 5.49
N ARG A 132 -1.91 -20.81 6.09
CA ARG A 132 -2.19 -22.19 5.72
C ARG A 132 -3.64 -22.56 6.04
N GLN A 133 -4.14 -22.13 7.21
CA GLN A 133 -5.54 -22.40 7.51
C GLN A 133 -6.46 -21.82 6.45
N GLN A 134 -6.23 -20.56 6.06
CA GLN A 134 -7.06 -19.95 5.04
C GLN A 134 -6.93 -20.69 3.71
N PHE A 135 -5.70 -20.87 3.23
CA PHE A 135 -5.51 -21.48 1.93
C PHE A 135 -6.15 -22.86 1.86
N ALA A 136 -6.01 -23.64 2.94
CA ALA A 136 -6.59 -24.99 2.98
C ALA A 136 -8.10 -24.93 2.92
N ALA A 137 -8.72 -24.02 3.68
CA ALA A 137 -10.17 -23.92 3.72
C ALA A 137 -10.74 -23.52 2.35
N ILE A 138 -10.11 -22.55 1.69
CA ILE A 138 -10.58 -22.12 0.38
C ILE A 138 -10.54 -23.29 -0.61
N ALA A 139 -9.43 -24.03 -0.63
CA ALA A 139 -9.32 -25.14 -1.57
C ALA A 139 -10.35 -26.22 -1.27
N ALA A 140 -10.54 -26.54 0.00
CA ALA A 140 -11.51 -27.57 0.34
C ALA A 140 -12.92 -27.13 -0.04
N GLN A 141 -13.23 -25.85 0.18
CA GLN A 141 -14.59 -25.37 -0.06
C GLN A 141 -14.95 -25.56 -1.52
N HIS A 142 -14.07 -25.16 -2.43
CA HIS A 142 -14.40 -25.21 -3.85
C HIS A 142 -14.40 -26.63 -4.39
N LEU A 143 -13.59 -27.51 -3.80
CA LEU A 143 -13.62 -28.91 -4.20
C LEU A 143 -14.93 -29.60 -3.78
N ALA A 144 -15.45 -29.23 -2.61
CA ALA A 144 -16.73 -29.78 -2.17
C ALA A 144 -17.88 -29.33 -3.07
N GLU A 145 -17.89 -28.05 -3.48
CA GLU A 145 -18.90 -27.58 -4.43
C GLU A 145 -18.90 -28.44 -5.69
N LEU A 146 -17.72 -28.86 -6.14
CA LEU A 146 -17.63 -29.72 -7.32
C LEU A 146 -18.20 -31.12 -7.10
N SER A 147 -18.26 -31.60 -5.86
CA SER A 147 -18.74 -32.96 -5.66
C SER A 147 -20.24 -33.03 -5.92
N GLY A 148 -20.73 -34.26 -6.09
CA GLY A 148 -22.13 -34.45 -6.41
C GLY A 148 -22.54 -33.93 -7.77
N GLN A 149 -21.59 -33.46 -8.59
CA GLN A 149 -21.91 -33.00 -9.93
C GLN A 149 -21.81 -34.18 -10.91
N PRO A 150 -22.92 -34.69 -11.42
CA PRO A 150 -22.85 -35.85 -12.32
C PRO A 150 -22.51 -35.51 -13.76
N GLY A 151 -22.08 -34.29 -14.07
CA GLY A 151 -21.87 -33.93 -15.45
C GLY A 151 -20.50 -33.32 -15.66
N THR A 152 -20.27 -32.74 -16.83
CA THR A 152 -18.97 -32.14 -17.13
C THR A 152 -18.84 -30.80 -16.43
N VAL A 153 -17.65 -30.54 -15.89
CA VAL A 153 -17.40 -29.32 -15.15
C VAL A 153 -16.09 -28.70 -15.64
N ASP A 154 -16.05 -27.38 -15.65
CA ASP A 154 -14.86 -26.66 -16.08
C ASP A 154 -14.03 -26.30 -14.85
N LEU A 155 -12.90 -26.98 -14.68
CA LEU A 155 -12.08 -26.75 -13.50
C LEU A 155 -11.41 -25.39 -13.50
N VAL A 156 -11.28 -24.74 -14.66
CA VAL A 156 -10.66 -23.42 -14.71
C VAL A 156 -11.55 -22.40 -14.01
N SER A 157 -12.80 -22.29 -14.46
CA SER A 157 -13.74 -21.34 -13.86
C SER A 157 -14.25 -21.84 -12.51
N ARG A 158 -14.26 -23.15 -12.27
CA ARG A 158 -14.82 -23.66 -11.03
C ARG A 158 -13.83 -23.79 -9.91
N PHE A 159 -12.54 -23.83 -10.20
CA PHE A 159 -11.56 -24.08 -9.14
C PHE A 159 -10.38 -23.14 -9.28
N ALA A 160 -9.62 -23.23 -10.37
CA ALA A 160 -8.38 -22.47 -10.47
C ALA A 160 -8.64 -20.99 -10.20
N ARG A 161 -9.60 -20.41 -10.94
CA ARG A 161 -9.80 -18.97 -10.81
C ARG A 161 -10.38 -18.62 -9.46
N PRO A 162 -11.53 -19.15 -9.03
CA PRO A 162 -12.07 -18.74 -7.72
C PRO A 162 -11.14 -19.05 -6.55
N VAL A 163 -10.40 -20.15 -6.60
CA VAL A 163 -9.47 -20.45 -5.51
C VAL A 163 -8.35 -19.41 -5.50
N ALA A 164 -7.83 -19.06 -6.69
CA ALA A 164 -6.77 -18.06 -6.77
C ALA A 164 -7.25 -16.74 -6.20
N LEU A 165 -8.44 -16.31 -6.62
CA LEU A 165 -8.92 -15.00 -6.18
C LEU A 165 -9.12 -14.94 -4.67
N ARG A 166 -9.72 -15.97 -4.07
CA ARG A 166 -9.94 -15.93 -2.64
C ARG A 166 -8.64 -16.07 -1.89
N THR A 167 -7.70 -16.83 -2.46
CA THR A 167 -6.40 -17.02 -1.84
C THR A 167 -5.63 -15.70 -1.74
N ILE A 168 -5.56 -14.96 -2.84
CA ILE A 168 -4.75 -13.74 -2.84
C ILE A 168 -5.45 -12.66 -2.02
N THR A 169 -6.78 -12.53 -2.10
CA THR A 169 -7.42 -11.50 -1.31
C THR A 169 -7.43 -11.83 0.18
N ALA A 170 -7.49 -13.11 0.53
CA ALA A 170 -7.32 -13.48 1.93
C ALA A 170 -5.94 -13.08 2.45
N PHE A 171 -4.90 -13.31 1.64
CA PHE A 171 -3.55 -12.90 2.02
C PHE A 171 -3.48 -11.37 2.15
N LEU A 172 -4.08 -10.64 1.22
CA LEU A 172 -4.08 -9.19 1.29
C LEU A 172 -4.95 -8.65 2.41
N GLY A 173 -5.86 -9.44 2.94
CA GLY A 173 -6.77 -8.93 3.96
C GLY A 173 -7.79 -7.95 3.42
N VAL A 174 -8.39 -8.26 2.28
CA VAL A 174 -9.36 -7.38 1.63
C VAL A 174 -10.51 -8.20 1.10
N PRO A 175 -11.68 -7.58 0.98
CA PRO A 175 -12.86 -8.34 0.51
C PRO A 175 -12.74 -8.70 -0.96
N PRO A 176 -13.02 -9.96 -1.30
CA PRO A 176 -12.87 -10.40 -2.70
C PRO A 176 -13.76 -9.58 -3.62
N PRO A 177 -13.25 -9.16 -4.77
CA PRO A 177 -14.11 -8.59 -5.81
C PRO A 177 -14.91 -9.69 -6.51
N ASP A 178 -15.86 -9.23 -7.32
CA ASP A 178 -16.64 -10.16 -8.14
C ASP A 178 -15.71 -10.99 -9.01
N GLY A 179 -15.94 -12.30 -9.01
CA GLY A 179 -14.98 -13.21 -9.64
C GLY A 179 -14.91 -13.03 -11.15
N ALA A 180 -16.07 -13.07 -11.81
CA ALA A 180 -16.09 -12.98 -13.27
C ALA A 180 -15.58 -11.63 -13.74
N GLY A 181 -16.04 -10.55 -13.10
CA GLY A 181 -15.59 -9.23 -13.49
C GLY A 181 -14.09 -9.04 -13.33
N PHE A 182 -13.54 -9.54 -12.22
CA PHE A 182 -12.10 -9.41 -12.01
C PHE A 182 -11.32 -10.17 -13.06
N GLU A 183 -11.73 -11.41 -13.35
CA GLU A 183 -11.04 -12.22 -14.35
C GLU A 183 -10.95 -11.51 -15.69
N GLN A 184 -12.00 -10.78 -16.07
CA GLN A 184 -11.97 -10.07 -17.36
C GLN A 184 -10.93 -8.95 -17.36
N TRP A 185 -10.93 -8.09 -16.33
CA TRP A 185 -9.90 -7.06 -16.24
C TRP A 185 -8.52 -7.68 -16.26
N SER A 186 -8.32 -8.71 -15.45
CA SER A 186 -7.00 -9.30 -15.31
C SER A 186 -6.55 -10.00 -16.58
N ASN A 187 -7.49 -10.63 -17.29
CA ASN A 187 -7.14 -11.30 -18.52
C ASN A 187 -6.66 -10.30 -19.57
N ALA A 188 -7.30 -9.14 -19.63
CA ALA A 188 -6.84 -8.10 -20.54
C ALA A 188 -5.39 -7.75 -20.27
N ILE A 189 -5.00 -7.74 -19.01
CA ILE A 189 -3.62 -7.40 -18.68
C ILE A 189 -2.70 -8.52 -19.13
N VAL A 190 -3.09 -9.77 -18.89
CA VAL A 190 -2.25 -10.89 -19.33
C VAL A 190 -2.06 -10.85 -20.85
N ARG A 191 -3.13 -10.56 -21.57
N ARG A 191 -3.13 -10.56 -21.57
CA ARG A 191 -3.04 -10.54 -23.03
CA ARG A 191 -3.03 -10.53 -23.03
C ARG A 191 -2.19 -9.36 -23.52
C ARG A 191 -2.16 -9.38 -23.49
N SER A 192 -2.15 -8.27 -22.76
CA SER A 192 -1.34 -7.13 -23.16
C SER A 192 0.15 -7.45 -23.12
N MET A 193 0.52 -8.51 -22.40
CA MET A 193 1.91 -8.94 -22.36
C MET A 193 2.41 -9.41 -23.71
N ASP A 194 1.50 -9.75 -24.62
CA ASP A 194 1.84 -10.18 -25.96
C ASP A 194 1.72 -9.05 -26.97
N ALA A 195 1.76 -7.81 -26.50
CA ALA A 195 1.64 -6.67 -27.40
C ALA A 195 2.77 -6.62 -28.42
N GLY A 196 3.94 -7.15 -28.05
CA GLY A 196 5.02 -7.27 -29.01
C GLY A 196 4.63 -8.11 -30.21
N ILE A 197 3.77 -9.10 -30.01
CA ILE A 197 3.32 -9.95 -31.10
C ILE A 197 2.12 -9.35 -31.80
N GLU A 198 1.12 -8.93 -31.04
CA GLU A 198 -0.10 -8.30 -31.56
C GLU A 198 -0.31 -6.94 -30.91
N PRO A 199 0.19 -5.87 -31.53
CA PRO A 199 0.12 -4.55 -30.87
C PRO A 199 -1.27 -4.13 -30.42
N ALA A 200 -2.33 -4.59 -31.10
CA ALA A 200 -3.67 -4.19 -30.70
C ALA A 200 -4.01 -4.66 -29.28
N ARG A 201 -3.33 -5.70 -28.78
CA ARG A 201 -3.60 -6.18 -27.43
C ARG A 201 -3.18 -5.22 -26.33
N ALA A 202 -2.53 -4.11 -26.67
CA ALA A 202 -1.96 -3.21 -25.68
C ALA A 202 -3.02 -2.33 -25.02
N GLU A 203 -3.93 -1.73 -25.79
CA GLU A 203 -4.84 -0.76 -25.17
C GLU A 203 -5.77 -1.37 -24.13
N PRO A 204 -6.37 -2.54 -24.35
CA PRO A 204 -7.23 -3.10 -23.29
C PRO A 204 -6.51 -3.28 -21.96
N GLY A 205 -5.20 -3.47 -21.97
CA GLY A 205 -4.46 -3.59 -20.71
C GLY A 205 -4.41 -2.29 -19.95
N ASN A 206 -4.25 -1.18 -20.64
CA ASN A 206 -4.21 0.11 -19.97
C ASN A 206 -5.51 0.39 -19.24
N GLN A 207 -6.64 0.03 -19.84
CA GLN A 207 -7.92 0.19 -19.15
C GLN A 207 -8.01 -0.72 -17.93
N ALA A 208 -7.58 -1.98 -18.08
CA ALA A 208 -7.64 -2.93 -16.96
C ALA A 208 -6.66 -2.54 -15.85
N ARG A 209 -5.47 -2.09 -16.19
CA ARG A 209 -4.54 -1.60 -15.18
C ARG A 209 -5.18 -0.50 -14.34
N ALA A 210 -5.83 0.47 -15.01
CA ALA A 210 -6.50 1.54 -14.29
C ALA A 210 -7.60 1.01 -13.37
N GLU A 211 -8.28 -0.04 -13.79
CA GLU A 211 -9.32 -0.60 -12.94
C GLU A 211 -8.73 -1.23 -11.69
N LEU A 212 -7.67 -2.03 -11.85
CA LEU A 212 -7.01 -2.60 -10.68
C LEU A 212 -6.40 -1.51 -9.81
N SER A 213 -5.89 -0.43 -10.42
CA SER A 213 -5.42 0.70 -9.63
C SER A 213 -6.53 1.25 -8.74
N ARG A 214 -7.76 1.30 -9.26
CA ARG A 214 -8.87 1.80 -8.43
C ARG A 214 -9.12 0.86 -7.25
N LEU A 215 -9.06 -0.45 -7.49
CA LEU A 215 -9.22 -1.42 -6.42
C LEU A 215 -8.12 -1.25 -5.38
N VAL A 216 -6.87 -1.15 -5.83
CA VAL A 216 -5.73 -1.00 -4.91
C VAL A 216 -5.86 0.31 -4.14
N THR A 217 -6.20 1.39 -4.82
CA THR A 217 -6.39 2.67 -4.14
C THR A 217 -7.44 2.56 -3.04
N HIS A 218 -8.54 1.87 -3.34
CA HIS A 218 -9.62 1.72 -2.38
C HIS A 218 -9.19 0.91 -1.17
N TRP A 219 -8.46 -0.18 -1.40
CA TRP A 219 -7.98 -0.99 -0.30
C TRP A 219 -6.99 -0.21 0.57
N LEU A 220 -6.07 0.52 -0.07
CA LEU A 220 -5.14 1.36 0.69
C LEU A 220 -5.86 2.37 1.56
N ALA A 221 -7.01 2.85 1.11
CA ALA A 221 -7.74 3.83 1.90
C ALA A 221 -8.58 3.16 2.98
N GLU A 222 -8.99 1.91 2.79
CA GLU A 222 -10.04 1.32 3.62
C GLU A 222 -9.68 0.02 4.31
N ALA A 223 -8.58 -0.63 3.94
CA ALA A 223 -8.35 -2.00 4.38
C ALA A 223 -7.99 -2.09 5.86
N ASP A 224 -8.27 -3.25 6.43
CA ASP A 224 -7.96 -3.55 7.81
C ASP A 224 -6.44 -3.46 8.05
N GLU A 225 -6.06 -3.23 9.31
CA GLU A 225 -4.64 -3.27 9.64
C GLU A 225 -4.07 -4.68 9.58
N ARG A 226 -4.92 -5.69 9.51
CA ARG A 226 -4.50 -7.07 9.33
C ARG A 226 -4.29 -7.34 7.84
N GLY A 227 -3.56 -8.40 7.55
CA GLY A 227 -3.26 -8.75 6.19
C GLY A 227 -2.16 -7.90 5.59
N PHE A 228 -1.78 -8.29 4.37
CA PHE A 228 -0.62 -7.72 3.70
C PHE A 228 -0.78 -6.22 3.44
N VAL A 229 -1.94 -5.80 2.93
CA VAL A 229 -2.14 -4.39 2.60
C VAL A 229 -1.91 -3.50 3.81
N GLY A 230 -2.51 -3.84 4.93
CA GLY A 230 -2.34 -3.02 6.12
C GLY A 230 -0.88 -2.87 6.53
N ALA A 231 -0.12 -3.98 6.44
CA ALA A 231 1.27 -3.97 6.86
C ALA A 231 2.13 -3.15 5.92
N ALA A 232 1.87 -3.23 4.62
CA ALA A 232 2.66 -2.47 3.65
C ALA A 232 2.38 -0.98 3.79
N ARG A 233 1.15 -0.62 4.12
CA ARG A 233 0.80 0.79 4.31
C ARG A 233 1.58 1.38 5.46
N ARG A 234 1.80 0.58 6.51
CA ARG A 234 2.54 1.08 7.66
C ARG A 234 4.02 1.27 7.33
N ALA A 235 4.62 0.31 6.63
CA ALA A 235 6.04 0.40 6.31
C ALA A 235 6.36 1.69 5.55
N ALA A 236 5.47 2.10 4.64
CA ALA A 236 5.66 3.33 3.89
C ALA A 236 5.62 4.56 4.79
N VAL A 241 9.46 5.45 0.67
CA VAL A 241 8.97 5.03 -0.64
C VAL A 241 7.83 5.93 -1.12
N PRO A 242 7.84 6.28 -2.41
CA PRO A 242 6.76 7.09 -2.96
C PRO A 242 5.47 6.30 -3.15
N ALA A 243 4.35 7.02 -3.05
CA ALA A 243 3.03 6.37 -3.05
C ALA A 243 2.76 5.64 -4.35
N ALA A 244 3.13 6.21 -5.49
CA ALA A 244 2.92 5.54 -6.78
C ALA A 244 3.63 4.19 -6.81
N VAL A 245 4.90 4.15 -6.41
CA VAL A 245 5.61 2.87 -6.38
C VAL A 245 4.87 1.87 -5.50
N LEU A 246 4.40 2.32 -4.34
CA LEU A 246 3.64 1.45 -3.45
C LEU A 246 2.37 0.99 -4.13
N ALA A 247 1.57 1.92 -4.65
CA ALA A 247 0.34 1.57 -5.35
C ALA A 247 0.59 0.54 -6.45
N ASN A 248 1.44 0.88 -7.41
CA ASN A 248 1.69 -0.04 -8.53
C ASN A 248 2.27 -1.35 -8.03
N SER A 249 3.04 -1.33 -6.94
CA SER A 249 3.63 -2.55 -6.42
C SER A 249 2.58 -3.44 -5.76
N LEU A 250 1.62 -2.84 -5.04
CA LEU A 250 0.50 -3.61 -4.52
C LEU A 250 -0.36 -4.18 -5.65
N ARG A 251 -0.57 -3.39 -6.71
CA ARG A 251 -1.27 -3.92 -7.87
C ARG A 251 -0.53 -5.12 -8.43
N ALA A 252 0.79 -5.01 -8.56
CA ALA A 252 1.57 -6.16 -9.00
C ALA A 252 1.35 -7.39 -8.12
N VAL A 253 1.37 -7.21 -6.78
CA VAL A 253 1.12 -8.36 -5.90
C VAL A 253 -0.24 -8.97 -6.20
N LEU A 254 -1.29 -8.14 -6.20
CA LEU A 254 -2.62 -8.63 -6.53
C LEU A 254 -2.61 -9.42 -7.82
N HIS A 255 -2.13 -8.79 -8.91
CA HIS A 255 -2.33 -9.36 -10.24
C HIS A 255 -1.41 -10.56 -10.46
N ALA A 256 -0.14 -10.43 -10.10
CA ALA A 256 0.76 -11.56 -10.23
C ALA A 256 0.26 -12.75 -9.43
N GLY A 257 -0.18 -12.49 -8.20
CA GLY A 257 -0.58 -13.56 -7.33
C GLY A 257 -1.83 -14.24 -7.82
N TYR A 258 -2.83 -13.45 -8.23
CA TYR A 258 -4.00 -14.02 -8.86
C TYR A 258 -3.61 -14.88 -10.06
N GLU A 259 -2.88 -14.31 -11.03
CA GLU A 259 -2.77 -14.97 -12.33
C GLU A 259 -1.73 -16.09 -12.29
N SER A 260 -0.65 -15.90 -11.54
CA SER A 260 0.32 -16.98 -11.40
C SER A 260 -0.31 -18.21 -10.76
N VAL A 261 -1.02 -18.01 -9.64
CA VAL A 261 -1.67 -19.12 -8.94
C VAL A 261 -2.80 -19.72 -9.78
N SER A 262 -3.74 -18.88 -10.21
CA SER A 262 -4.77 -19.32 -11.14
C SER A 262 -4.21 -20.22 -12.23
N ARG A 263 -3.20 -19.75 -12.96
CA ARG A 263 -2.78 -20.53 -14.11
C ARG A 263 -1.87 -21.69 -13.72
N LEU A 264 -1.18 -21.59 -12.58
CA LEU A 264 -0.47 -22.74 -12.07
C LEU A 264 -1.46 -23.86 -11.80
N LEU A 265 -2.53 -23.55 -11.06
CA LEU A 265 -3.54 -24.56 -10.73
C LEU A 265 -4.15 -25.17 -11.99
N GLY A 266 -4.47 -24.35 -12.99
CA GLY A 266 -4.98 -24.87 -14.23
C GLY A 266 -4.05 -25.91 -14.83
N GLY A 267 -2.78 -25.57 -14.96
CA GLY A 267 -1.83 -26.48 -15.56
C GLY A 267 -1.61 -27.73 -14.72
N VAL A 268 -1.55 -27.57 -13.39
CA VAL A 268 -1.30 -28.71 -12.53
C VAL A 268 -2.49 -29.66 -12.58
N LEU A 269 -3.69 -29.11 -12.43
CA LEU A 269 -4.89 -29.91 -12.54
C LEU A 269 -4.92 -30.61 -13.88
N ALA A 270 -4.53 -29.91 -14.95
CA ALA A 270 -4.56 -30.54 -16.26
C ALA A 270 -3.64 -31.74 -16.28
N ARG A 271 -2.47 -31.63 -15.67
CA ARG A 271 -1.59 -32.80 -15.58
C ARG A 271 -2.25 -33.91 -14.75
N LEU A 272 -2.91 -33.51 -13.66
CA LEU A 272 -3.45 -34.48 -12.71
C LEU A 272 -4.64 -35.23 -13.29
N VAL A 273 -5.52 -34.54 -14.03
CA VAL A 273 -6.68 -35.23 -14.58
C VAL A 273 -6.24 -36.30 -15.57
N ARG A 274 -5.19 -36.02 -16.34
CA ARG A 274 -4.68 -37.01 -17.30
C ARG A 274 -3.80 -38.06 -16.64
N HIS A 275 -3.21 -37.74 -15.49
CA HIS A 275 -2.28 -38.63 -14.79
C HIS A 275 -2.66 -38.65 -13.31
N PRO A 276 -3.82 -39.23 -13.01
CA PRO A 276 -4.29 -39.29 -11.61
C PRO A 276 -3.36 -40.04 -10.68
N GLU A 277 -2.47 -40.87 -11.22
CA GLU A 277 -1.51 -41.59 -10.39
C GLU A 277 -0.57 -40.65 -9.64
N LEU A 278 -0.40 -39.41 -10.12
CA LEU A 278 0.43 -38.44 -9.40
C LEU A 278 -0.11 -38.21 -8.00
N LEU A 279 -1.43 -38.36 -7.82
CA LEU A 279 -2.07 -38.16 -6.52
C LEU A 279 -2.09 -39.41 -5.67
N ALA A 280 -1.68 -40.55 -6.23
CA ALA A 280 -1.66 -41.81 -5.50
C ALA A 280 -0.33 -42.06 -4.81
N GLY A 281 0.54 -41.07 -4.77
CA GLY A 281 1.84 -41.22 -4.17
C GLY A 281 1.79 -41.36 -2.67
N PRO A 282 2.96 -41.32 -2.03
CA PRO A 282 3.03 -41.55 -0.57
C PRO A 282 2.25 -40.55 0.26
N ALA A 283 2.08 -39.32 -0.19
CA ALA A 283 1.28 -38.34 0.54
C ALA A 283 1.90 -37.92 1.86
N THR A 284 3.21 -38.08 2.00
CA THR A 284 3.93 -37.48 3.11
C THR A 284 4.26 -36.01 2.80
N ARG A 285 4.80 -35.32 3.79
CA ARG A 285 5.24 -33.94 3.57
C ARG A 285 6.38 -33.92 2.55
N ASP A 286 7.40 -34.76 2.77
CA ASP A 286 8.56 -34.75 1.88
C ASP A 286 8.22 -35.27 0.50
N ALA A 287 7.29 -36.23 0.38
CA ALA A 287 6.85 -36.67 -0.93
C ALA A 287 6.11 -35.57 -1.70
N ASP A 288 5.24 -34.84 -1.01
CA ASP A 288 4.53 -33.73 -1.65
C ASP A 288 5.47 -32.57 -1.97
N GLU A 289 6.55 -32.44 -1.19
CA GLU A 289 7.54 -31.41 -1.49
C GLU A 289 8.17 -31.64 -2.86
N ALA A 290 8.60 -32.88 -3.11
CA ALA A 290 9.23 -33.21 -4.38
C ALA A 290 8.22 -33.11 -5.53
N LEU A 291 6.99 -33.55 -5.29
CA LEU A 291 5.97 -33.50 -6.33
C LEU A 291 5.65 -32.07 -6.70
N VAL A 292 5.45 -31.22 -5.68
CA VAL A 292 5.16 -29.82 -5.92
C VAL A 292 6.27 -29.18 -6.73
N ASP A 293 7.54 -29.48 -6.39
CA ASP A 293 8.66 -28.91 -7.13
C ASP A 293 8.60 -29.31 -8.61
N GLU A 294 8.28 -30.59 -8.88
CA GLU A 294 8.19 -31.04 -10.27
C GLU A 294 7.00 -30.40 -11.00
N LEU A 295 5.86 -30.29 -10.32
CA LEU A 295 4.68 -29.69 -10.95
C LEU A 295 4.93 -28.23 -11.28
N ILE A 296 5.67 -27.53 -10.42
CA ILE A 296 6.01 -26.13 -10.67
C ILE A 296 7.06 -26.01 -11.76
N ARG A 297 8.02 -26.95 -11.79
CA ARG A 297 9.02 -26.97 -12.85
C ARG A 297 8.38 -27.16 -14.20
N LEU A 298 7.43 -28.10 -14.29
CA LEU A 298 6.80 -28.48 -15.55
C LEU A 298 5.68 -27.52 -15.94
N ASP A 299 4.83 -27.16 -14.99
CA ASP A 299 3.62 -26.42 -15.32
C ASP A 299 3.61 -24.98 -14.86
N GLY A 300 4.75 -24.44 -14.40
CA GLY A 300 4.83 -23.03 -14.07
C GLY A 300 4.33 -22.21 -15.26
N PRO A 301 3.40 -21.28 -15.00
CA PRO A 301 2.78 -20.55 -16.12
C PRO A 301 3.69 -19.51 -16.79
N VAL A 302 4.72 -18.99 -16.12
CA VAL A 302 5.52 -17.93 -16.73
C VAL A 302 6.35 -18.55 -17.87
N GLN A 303 6.01 -18.20 -19.11
CA GLN A 303 6.78 -18.70 -20.25
C GLN A 303 7.89 -17.73 -20.69
N ALA A 304 7.77 -16.45 -20.40
CA ALA A 304 8.70 -15.43 -20.85
C ALA A 304 8.88 -14.37 -19.77
N ASP A 305 10.13 -14.00 -19.55
CA ASP A 305 10.52 -13.05 -18.52
C ASP A 305 11.55 -12.14 -19.18
N ALA A 306 11.20 -10.88 -19.34
CA ALA A 306 11.97 -10.02 -20.22
C ALA A 306 13.01 -9.23 -19.45
N ARG A 307 14.10 -8.89 -20.13
CA ARG A 307 15.16 -8.06 -19.60
C ARG A 307 15.69 -7.17 -20.72
N VAL A 308 16.32 -6.07 -20.34
CA VAL A 308 17.07 -5.22 -21.28
C VAL A 308 18.55 -5.28 -20.93
N CYS A 309 19.39 -5.35 -21.96
CA CYS A 309 20.83 -5.30 -21.79
C CYS A 309 21.24 -3.86 -21.53
N VAL A 310 21.94 -3.64 -20.41
CA VAL A 310 22.41 -2.32 -20.02
C VAL A 310 23.89 -2.17 -20.37
N ARG A 311 24.64 -3.27 -20.39
CA ARG A 311 26.05 -3.26 -20.76
C ARG A 311 26.34 -4.57 -21.48
N ASP A 312 27.06 -4.49 -22.60
CA ASP A 312 27.41 -5.66 -23.40
C ASP A 312 27.86 -6.81 -22.51
N GLN A 313 27.52 -8.03 -22.92
CA GLN A 313 27.79 -9.23 -22.16
C GLN A 313 27.65 -10.45 -23.07
N PRO A 314 28.58 -11.41 -23.03
CA PRO A 314 28.36 -12.66 -23.77
C PRO A 314 27.24 -13.44 -23.10
N VAL A 315 26.30 -13.94 -23.90
CA VAL A 315 25.19 -14.74 -23.40
C VAL A 315 25.08 -15.98 -24.29
N GLY A 316 25.29 -17.15 -23.69
CA GLY A 316 25.40 -18.32 -24.53
C GLY A 316 26.47 -18.10 -25.58
N ALA A 317 26.19 -18.53 -26.81
CA ALA A 317 27.14 -18.39 -27.91
C ALA A 317 27.17 -17.00 -28.54
N GLN A 318 26.38 -16.05 -28.03
CA GLN A 318 26.19 -14.76 -28.66
C GLN A 318 26.78 -13.66 -27.80
N LEU A 319 27.04 -12.51 -28.41
CA LEU A 319 27.33 -11.29 -27.67
C LEU A 319 26.10 -10.40 -27.72
N VAL A 320 25.52 -10.14 -26.54
CA VAL A 320 24.37 -9.25 -26.42
C VAL A 320 24.85 -7.83 -26.16
N ARG A 321 24.19 -6.87 -26.78
CA ARG A 321 24.63 -5.48 -26.79
C ARG A 321 23.70 -4.58 -25.97
N ARG A 322 24.25 -3.47 -25.49
CA ARG A 322 23.47 -2.50 -24.75
C ARG A 322 22.28 -2.10 -25.58
N GLY A 323 21.11 -2.06 -24.96
CA GLY A 323 19.88 -1.74 -25.64
C GLY A 323 19.12 -2.93 -26.13
N ASP A 324 19.76 -4.09 -26.26
CA ASP A 324 19.08 -5.29 -26.72
C ASP A 324 18.11 -5.81 -25.66
N VAL A 325 16.96 -6.29 -26.10
CA VAL A 325 15.98 -6.92 -25.23
C VAL A 325 16.18 -8.42 -25.27
N LEU A 326 16.17 -9.04 -24.10
CA LEU A 326 16.28 -10.49 -23.96
C LEU A 326 14.97 -10.99 -23.38
N VAL A 327 14.34 -11.93 -24.06
CA VAL A 327 13.17 -12.63 -23.54
C VAL A 327 13.65 -13.99 -23.05
N LEU A 328 13.63 -14.20 -21.73
CA LEU A 328 14.07 -15.44 -21.13
C LEU A 328 12.90 -16.42 -21.09
N PHE A 329 12.99 -17.49 -21.88
CA PHE A 329 11.99 -18.56 -21.91
C PHE A 329 12.26 -19.54 -20.75
N ILE A 330 11.91 -19.12 -19.54
CA ILE A 330 12.28 -19.89 -18.35
C ILE A 330 11.55 -21.24 -18.29
N ALA A 331 10.36 -21.34 -18.89
CA ALA A 331 9.70 -22.64 -18.95
C ALA A 331 10.48 -23.61 -19.85
N ALA A 332 11.03 -23.11 -20.95
CA ALA A 332 11.88 -23.93 -21.79
C ALA A 332 13.18 -24.28 -21.07
N ALA A 333 13.80 -23.29 -20.42
CA ALA A 333 14.98 -23.56 -19.62
C ALA A 333 14.68 -24.67 -18.63
N ASN A 334 13.48 -24.67 -18.04
CA ASN A 334 13.09 -25.70 -17.10
C ASN A 334 12.89 -27.06 -17.76
N ARG A 335 13.04 -27.15 -19.10
CA ARG A 335 13.06 -28.42 -19.81
C ARG A 335 14.41 -28.67 -20.47
N ASP A 336 15.44 -27.97 -20.03
CA ASP A 336 16.78 -28.20 -20.58
C ASP A 336 17.26 -29.59 -20.15
N PRO A 337 17.46 -30.52 -21.09
CA PRO A 337 17.87 -31.88 -20.68
C PRO A 337 19.24 -31.93 -20.03
N ALA A 338 20.11 -30.95 -20.27
CA ALA A 338 21.41 -30.96 -19.61
C ALA A 338 21.25 -30.84 -18.11
N VAL A 339 20.17 -30.21 -17.64
CA VAL A 339 19.95 -30.02 -16.22
C VAL A 339 18.85 -30.94 -15.69
N PHE A 340 17.85 -31.25 -16.51
CA PHE A 340 16.72 -32.08 -16.11
C PHE A 340 16.56 -33.26 -17.08
N PRO A 341 17.33 -34.34 -16.90
CA PRO A 341 17.17 -35.50 -17.80
C PRO A 341 15.74 -36.03 -17.79
N ASP A 342 15.29 -36.50 -18.95
CA ASP A 342 13.88 -36.79 -19.18
C ASP A 342 13.10 -35.54 -18.74
N PRO A 343 13.39 -34.39 -19.37
CA PRO A 343 12.90 -33.12 -18.79
C PRO A 343 11.40 -32.97 -18.80
N ASP A 344 10.70 -33.64 -19.72
CA ASP A 344 9.23 -33.59 -19.77
C ASP A 344 8.56 -34.55 -18.80
N ALA A 345 9.32 -35.30 -17.99
CA ALA A 345 8.77 -36.28 -17.06
C ALA A 345 8.85 -35.78 -15.61
N VAL A 346 7.81 -36.10 -14.84
CA VAL A 346 7.88 -35.93 -13.39
C VAL A 346 8.78 -37.01 -12.83
N ARG A 347 9.87 -36.59 -12.17
CA ARG A 347 10.79 -37.51 -11.51
C ARG A 347 11.02 -36.97 -10.11
N LEU A 348 10.63 -37.74 -9.11
CA LEU A 348 10.50 -37.24 -7.75
C LEU A 348 11.80 -37.35 -6.96
N THR A 349 12.87 -37.78 -7.60
CA THR A 349 14.17 -37.94 -6.96
C THR A 349 15.18 -36.96 -7.51
N ARG A 350 14.72 -35.92 -8.21
CA ARG A 350 15.60 -34.87 -8.69
C ARG A 350 16.08 -34.02 -7.54
N ARG A 351 17.23 -33.38 -7.76
CA ARG A 351 17.72 -32.39 -6.81
C ARG A 351 16.84 -31.15 -6.88
N ARG A 352 16.49 -30.62 -5.71
CA ARG A 352 15.67 -29.43 -5.54
C ARG A 352 16.54 -28.18 -5.78
N GLY A 353 15.87 -27.03 -5.89
CA GLY A 353 16.55 -25.77 -5.99
C GLY A 353 17.05 -25.42 -7.36
N LEU A 354 16.65 -26.15 -8.40
CA LEU A 354 17.18 -25.97 -9.74
C LEU A 354 16.28 -25.17 -10.66
N HIS A 355 14.97 -25.44 -10.64
CA HIS A 355 14.08 -24.83 -11.63
C HIS A 355 14.04 -23.32 -11.46
N LEU A 356 13.74 -22.64 -12.58
CA LEU A 356 13.73 -21.19 -12.66
C LEU A 356 12.33 -20.62 -12.70
N ALA A 357 11.31 -21.41 -12.34
CA ALA A 357 9.93 -20.97 -12.54
C ALA A 357 9.56 -19.81 -11.63
N PHE A 358 10.31 -19.59 -10.54
CA PHE A 358 10.14 -18.40 -9.69
C PHE A 358 11.19 -17.33 -10.00
N GLY A 359 11.90 -17.47 -11.11
CA GLY A 359 12.97 -16.56 -11.42
C GLY A 359 14.14 -16.80 -10.50
N ARG A 360 15.00 -15.79 -10.42
CA ARG A 360 16.20 -15.91 -9.61
C ARG A 360 16.86 -14.55 -9.43
N GLY A 361 17.37 -14.33 -8.22
CA GLY A 361 18.03 -13.08 -7.89
C GLY A 361 17.12 -12.02 -7.30
N ALA A 362 17.41 -10.76 -7.63
CA ALA A 362 16.81 -9.63 -6.95
C ALA A 362 15.30 -9.60 -7.17
N HIS A 363 14.85 -9.99 -8.37
CA HIS A 363 13.43 -9.97 -8.69
C HIS A 363 12.74 -11.31 -8.50
N ALA A 364 13.42 -12.33 -7.98
CA ALA A 364 12.79 -13.63 -7.78
C ALA A 364 11.46 -13.52 -7.05
N CYS A 365 10.51 -14.36 -7.45
CA CYS A 365 9.14 -14.28 -6.95
C CYS A 365 9.07 -14.06 -5.45
N LEU A 366 8.37 -12.99 -5.07
CA LEU A 366 8.10 -12.69 -3.67
C LEU A 366 7.17 -13.72 -3.02
N GLY A 367 6.29 -14.32 -3.82
CA GLY A 367 5.28 -15.24 -3.34
C GLY A 367 5.65 -16.69 -3.50
N ALA A 368 6.91 -16.99 -3.77
CA ALA A 368 7.31 -18.37 -4.04
C ALA A 368 6.91 -19.27 -2.88
N GLY A 369 7.20 -18.86 -1.63
CA GLY A 369 6.79 -19.65 -0.48
C GLY A 369 5.29 -19.82 -0.37
N LEU A 370 4.54 -18.75 -0.64
CA LEU A 370 3.08 -18.84 -0.56
C LEU A 370 2.56 -19.82 -1.60
N ALA A 371 3.13 -19.78 -2.82
CA ALA A 371 2.65 -20.64 -3.90
C ALA A 371 2.94 -22.11 -3.61
N THR A 372 4.16 -22.43 -3.14
CA THR A 372 4.44 -23.83 -2.85
C THR A 372 3.58 -24.30 -1.68
N LEU A 373 3.38 -23.45 -0.68
CA LEU A 373 2.40 -23.73 0.36
C LEU A 373 1.01 -23.96 -0.21
N GLN A 374 0.52 -23.07 -1.07
CA GLN A 374 -0.84 -23.18 -1.57
C GLN A 374 -1.05 -24.45 -2.38
N LEU A 375 -0.05 -24.84 -3.18
CA LEU A 375 -0.19 -26.05 -3.99
C LEU A 375 -0.24 -27.30 -3.11
N ARG A 376 0.56 -27.30 -2.03
CA ARG A 376 0.48 -28.41 -1.08
C ARG A 376 -0.92 -28.60 -0.56
N GLU A 377 -1.55 -27.49 -0.13
CA GLU A 377 -2.88 -27.59 0.42
C GLU A 377 -3.86 -28.09 -0.62
N VAL A 378 -3.67 -27.73 -1.88
CA VAL A 378 -4.55 -28.25 -2.92
C VAL A 378 -4.34 -29.75 -3.08
N LEU A 379 -3.08 -30.17 -3.19
CA LEU A 379 -2.80 -31.61 -3.22
C LEU A 379 -3.45 -32.29 -2.02
N GLY A 380 -3.29 -31.70 -0.82
CA GLY A 380 -3.88 -32.31 0.37
C GLY A 380 -5.40 -32.40 0.30
N ALA A 381 -6.04 -31.34 -0.19
CA ALA A 381 -7.50 -31.32 -0.27
C ALA A 381 -8.01 -32.35 -1.26
N LEU A 382 -7.28 -32.51 -2.36
CA LEU A 382 -7.66 -33.51 -3.36
C LEU A 382 -7.59 -34.92 -2.76
N ARG A 383 -6.58 -35.24 -1.97
CA ARG A 383 -6.48 -36.54 -1.35
C ARG A 383 -7.58 -36.71 -0.32
N ALA A 384 -7.89 -35.64 0.41
CA ALA A 384 -8.96 -35.71 1.39
C ALA A 384 -10.34 -35.71 0.75
N GLY A 385 -10.46 -35.23 -0.49
CA GLY A 385 -11.75 -35.26 -1.16
C GLY A 385 -12.07 -36.59 -1.80
N GLY A 386 -11.06 -37.36 -2.18
CA GLY A 386 -11.24 -38.63 -2.85
C GLY A 386 -12.08 -38.55 -4.11
N LEU A 387 -12.31 -37.34 -4.61
CA LEU A 387 -13.06 -37.17 -5.85
C LEU A 387 -12.23 -37.64 -7.03
N ARG A 388 -12.89 -38.25 -8.01
CA ARG A 388 -12.24 -38.78 -9.19
C ARG A 388 -12.52 -37.84 -10.34
N LEU A 389 -11.47 -37.24 -10.90
CA LEU A 389 -11.59 -36.26 -11.97
C LEU A 389 -11.00 -36.84 -13.25
N ALA A 390 -11.87 -37.17 -14.21
CA ALA A 390 -11.49 -37.76 -15.48
C ALA A 390 -11.79 -36.80 -16.62
N PRO A 391 -10.93 -36.74 -17.63
CA PRO A 391 -11.17 -35.82 -18.76
C PRO A 391 -12.55 -36.02 -19.39
N ALA A 392 -13.31 -34.93 -19.48
CA ALA A 392 -14.58 -34.88 -20.20
C ALA A 392 -14.45 -34.11 -21.52
N GLY A 393 -13.29 -34.20 -22.16
CA GLY A 393 -12.96 -33.42 -23.33
C GLY A 393 -11.53 -32.91 -23.26
N PRO A 394 -11.09 -32.26 -24.34
CA PRO A 394 -9.68 -31.84 -24.40
C PRO A 394 -9.35 -30.66 -23.50
N ALA A 395 -8.09 -30.59 -23.07
CA ALA A 395 -7.65 -29.37 -22.41
C ALA A 395 -7.47 -28.30 -23.47
N ALA A 396 -8.09 -27.15 -23.28
CA ALA A 396 -8.06 -26.05 -24.24
C ALA A 396 -7.26 -24.91 -23.65
N TYR A 397 -6.26 -24.45 -24.35
CA TYR A 397 -5.40 -23.41 -23.85
C TYR A 397 -5.72 -22.06 -24.48
N GLU A 398 -5.51 -21.03 -23.72
CA GLU A 398 -5.81 -19.68 -24.15
C GLU A 398 -4.64 -19.12 -24.95
N PRO A 399 -4.95 -18.26 -25.95
CA PRO A 399 -3.86 -17.65 -26.78
C PRO A 399 -3.13 -16.53 -26.03
N THR A 400 -2.41 -16.93 -25.00
CA THR A 400 -1.52 -16.05 -24.25
C THR A 400 -0.17 -16.74 -24.25
N ALA A 401 0.85 -16.03 -24.72
CA ALA A 401 2.17 -16.62 -24.90
C ALA A 401 3.10 -16.38 -23.72
N THR A 402 2.95 -15.26 -23.03
CA THR A 402 3.83 -14.95 -21.93
C THR A 402 3.46 -15.74 -20.68
N LEU A 403 2.17 -15.79 -20.36
CA LEU A 403 1.68 -16.53 -19.21
C LEU A 403 0.74 -17.61 -19.74
N ARG A 404 1.14 -18.88 -19.61
CA ARG A 404 0.34 -19.97 -20.12
C ARG A 404 -0.89 -20.18 -19.26
N GLY A 405 -2.03 -20.34 -19.90
CA GLY A 405 -3.28 -20.56 -19.18
C GLY A 405 -4.23 -21.40 -19.98
N LEU A 406 -5.01 -22.23 -19.28
CA LEU A 406 -6.10 -22.96 -19.91
C LEU A 406 -7.33 -22.09 -20.10
N ALA A 407 -7.98 -22.22 -21.25
CA ALA A 407 -9.28 -21.59 -21.42
C ALA A 407 -10.37 -22.39 -20.72
N GLU A 408 -10.21 -23.70 -20.67
CA GLU A 408 -11.24 -24.59 -20.16
C GLU A 408 -10.59 -25.93 -19.86
N LEU A 409 -10.99 -26.56 -18.76
CA LEU A 409 -10.51 -27.89 -18.38
C LEU A 409 -11.74 -28.73 -18.05
N PRO A 410 -12.39 -29.30 -19.06
CA PRO A 410 -13.62 -30.05 -18.81
C PRO A 410 -13.30 -31.39 -18.19
N VAL A 411 -13.99 -31.71 -17.09
CA VAL A 411 -13.82 -33.00 -16.41
C VAL A 411 -15.16 -33.55 -15.94
N SER A 412 -15.17 -34.84 -15.62
CA SER A 412 -16.28 -35.47 -14.91
C SER A 412 -15.85 -35.75 -13.48
N VAL A 413 -16.79 -35.63 -12.53
CA VAL A 413 -16.53 -35.87 -11.12
C VAL A 413 -17.23 -37.16 -10.69
N ARG A 414 -16.54 -37.99 -9.91
CA ARG A 414 -17.09 -39.25 -9.43
C ARG A 414 -16.61 -39.50 -8.00
N ALA A 415 -17.55 -39.80 -7.10
CA ALA A 415 -17.24 -40.00 -5.69
C ALA A 415 -16.91 -41.46 -5.39
N PRO B 33 50.44 -1.09 7.78
CA PRO B 33 48.99 -1.11 7.57
C PRO B 33 48.41 0.30 7.42
N ILE B 34 47.24 0.41 6.81
CA ILE B 34 46.62 1.71 6.64
C ILE B 34 46.00 2.19 7.95
N TYR B 35 45.41 1.29 8.73
CA TYR B 35 44.86 1.67 10.02
C TYR B 35 44.72 0.40 10.87
N ASP B 36 45.05 0.54 12.17
CA ASP B 36 45.01 -0.56 13.12
C ASP B 36 43.72 -0.46 13.92
N PRO B 37 42.72 -1.31 13.69
CA PRO B 37 41.42 -1.12 14.33
C PRO B 37 41.42 -1.17 15.85
N LEU B 38 42.43 -1.80 16.47
CA LEU B 38 42.46 -1.94 17.92
C LEU B 38 43.43 -1.00 18.61
N ALA B 39 44.08 -0.11 17.86
CA ALA B 39 45.00 0.84 18.44
C ALA B 39 44.28 1.78 19.42
N PRO B 40 44.86 2.04 20.60
CA PRO B 40 44.18 2.91 21.59
C PRO B 40 43.69 4.25 21.05
N SER B 41 44.48 4.94 20.22
CA SER B 41 44.05 6.21 19.69
C SER B 41 42.87 6.04 18.73
N VAL B 42 42.83 4.90 18.01
CA VAL B 42 41.70 4.62 17.13
C VAL B 42 40.46 4.27 17.95
N ILE B 43 40.61 3.36 18.90
CA ILE B 43 39.48 2.96 19.75
C ILE B 43 38.92 4.17 20.48
N ALA B 44 39.74 5.17 20.79
CA ALA B 44 39.26 6.36 21.50
C ALA B 44 38.27 7.19 20.67
N ASP B 45 38.45 7.22 19.36
CA ASP B 45 37.60 7.98 18.45
C ASP B 45 37.92 7.52 17.04
N PRO B 46 37.24 6.49 16.54
CA PRO B 46 37.61 5.96 15.21
C PRO B 46 37.16 6.84 14.06
N TYR B 47 36.24 7.79 14.26
CA TYR B 47 35.60 8.43 13.12
C TYR B 47 36.54 9.29 12.29
N PRO B 48 37.43 10.07 12.89
CA PRO B 48 38.44 10.76 12.08
C PRO B 48 39.25 9.81 11.23
N PHE B 49 39.52 8.59 11.73
CA PHE B 49 40.28 7.63 10.94
C PHE B 49 39.42 7.06 9.81
N TYR B 50 38.14 6.77 10.10
CA TYR B 50 37.21 6.39 9.04
C TYR B 50 37.18 7.44 7.92
N ARG B 51 37.13 8.73 8.29
CA ARG B 51 37.00 9.79 7.28
C ARG B 51 38.23 9.86 6.37
N LYS B 52 39.43 9.82 6.98
CA LYS B 52 40.65 9.77 6.17
C LYS B 52 40.65 8.56 5.24
N LEU B 53 40.18 7.39 5.72
CA LEU B 53 40.01 6.23 4.84
C LEU B 53 39.05 6.55 3.71
N ARG B 54 37.90 7.13 4.04
N ARG B 54 37.90 7.13 4.04
CA ARG B 54 36.88 7.40 3.04
CA ARG B 54 36.88 7.38 3.01
C ARG B 54 37.39 8.40 2.01
C ARG B 54 37.39 8.40 2.00
N GLU B 55 38.08 9.45 2.48
CA GLU B 55 38.54 10.50 1.58
C GLU B 55 39.60 10.01 0.61
N THR B 56 40.37 8.98 0.98
CA THR B 56 41.37 8.49 0.03
C THR B 56 40.81 7.42 -0.90
N ASN B 57 39.98 6.50 -0.40
CA ASN B 57 39.41 5.47 -1.26
C ASN B 57 38.24 4.82 -0.54
N THR B 58 37.05 4.95 -1.13
CA THR B 58 35.84 4.41 -0.51
C THR B 58 35.83 2.89 -0.43
N VAL B 59 36.56 2.20 -1.32
CA VAL B 59 36.71 0.75 -1.30
C VAL B 59 38.21 0.47 -1.33
N HIS B 60 38.77 0.13 -0.18
CA HIS B 60 40.21 0.07 -0.03
C HIS B 60 40.62 -1.34 0.36
N TRP B 61 41.62 -1.88 -0.34
CA TRP B 61 42.15 -3.19 0.01
C TRP B 61 43.12 -3.06 1.17
N HIS B 62 42.81 -3.74 2.28
CA HIS B 62 43.66 -3.77 3.46
C HIS B 62 44.41 -5.10 3.46
N GLU B 63 45.70 -5.06 3.14
CA GLU B 63 46.42 -6.31 2.88
C GLU B 63 46.55 -7.15 4.15
N PHE B 64 46.81 -6.50 5.30
CA PHE B 64 47.00 -7.25 6.53
C PHE B 64 45.70 -7.74 7.15
N LEU B 65 44.58 -7.14 6.79
CA LEU B 65 43.29 -7.72 7.13
C LEU B 65 42.78 -8.67 6.06
N ASP B 66 43.39 -8.65 4.87
CA ASP B 66 43.01 -9.50 3.75
C ASP B 66 41.52 -9.32 3.46
N SER B 67 41.11 -8.06 3.39
CA SER B 67 39.71 -7.77 3.09
C SER B 67 39.62 -6.39 2.49
N TRP B 68 38.56 -6.18 1.70
CA TRP B 68 38.16 -4.84 1.30
C TRP B 68 37.52 -4.13 2.48
N VAL B 69 37.85 -2.87 2.66
CA VAL B 69 37.28 -1.99 3.67
C VAL B 69 36.46 -0.93 2.94
N VAL B 70 35.17 -0.87 3.24
CA VAL B 70 34.20 -0.10 2.46
C VAL B 70 33.62 0.98 3.38
N THR B 71 33.96 2.23 3.09
CA THR B 71 33.55 3.36 3.91
C THR B 71 32.58 4.33 3.23
N GLY B 72 32.35 4.21 1.92
CA GLY B 72 31.39 5.08 1.28
C GLY B 72 29.96 4.60 1.48
N TYR B 73 29.02 5.55 1.60
CA TYR B 73 27.63 5.18 1.83
C TYR B 73 27.07 4.38 0.65
N ALA B 74 27.25 4.88 -0.57
CA ALA B 74 26.67 4.22 -1.74
C ALA B 74 27.18 2.79 -1.85
N GLU B 75 28.46 2.59 -1.56
CA GLU B 75 29.04 1.27 -1.75
C GLU B 75 28.52 0.26 -0.72
N CYS B 76 28.43 0.67 0.56
CA CYS B 76 27.86 -0.21 1.57
C CYS B 76 26.43 -0.59 1.24
N ARG B 77 25.63 0.39 0.82
CA ARG B 77 24.24 0.16 0.45
C ARG B 77 24.14 -0.79 -0.74
N GLN B 78 25.02 -0.63 -1.72
CA GLN B 78 25.04 -1.57 -2.84
C GLN B 78 25.30 -2.99 -2.34
N VAL B 79 26.34 -3.17 -1.54
CA VAL B 79 26.73 -4.51 -1.15
C VAL B 79 25.68 -5.13 -0.22
N LEU B 80 25.15 -4.34 0.70
CA LEU B 80 24.14 -4.87 1.63
C LEU B 80 22.91 -5.38 0.88
N GLY B 81 22.47 -4.63 -0.13
CA GLY B 81 21.24 -5.01 -0.80
C GLY B 81 21.39 -6.07 -1.87
N ASP B 82 22.63 -6.42 -2.22
CA ASP B 82 22.94 -7.32 -3.33
C ASP B 82 23.32 -8.67 -2.75
N THR B 83 22.35 -9.51 -2.51
CA THR B 83 22.64 -10.86 -2.05
C THR B 83 22.96 -11.82 -3.19
N THR B 84 22.89 -11.36 -4.43
CA THR B 84 23.26 -12.21 -5.56
C THR B 84 24.76 -12.29 -5.74
N ASN B 85 25.46 -11.16 -5.57
CA ASN B 85 26.90 -11.11 -5.76
C ASN B 85 27.68 -11.04 -4.45
N PHE B 86 27.02 -10.74 -3.32
CA PHE B 86 27.64 -10.65 -2.02
C PHE B 86 26.76 -11.39 -1.04
N GLY B 87 27.35 -12.12 -0.11
CA GLY B 87 26.54 -12.96 0.74
C GLY B 87 27.10 -13.03 2.15
N SER B 88 26.30 -13.62 3.02
CA SER B 88 26.67 -13.92 4.38
C SER B 88 26.88 -15.41 4.62
N ASP B 89 26.53 -16.26 3.65
CA ASP B 89 26.63 -17.72 3.77
C ASP B 89 27.89 -18.16 3.03
N PHE B 90 28.96 -18.41 3.78
CA PHE B 90 30.24 -18.75 3.17
C PHE B 90 30.20 -20.08 2.42
N ARG B 91 29.14 -20.87 2.54
CA ARG B 91 29.02 -22.05 1.68
C ARG B 91 28.92 -21.67 0.22
N ARG B 92 28.45 -20.47 -0.08
CA ARG B 92 28.33 -20.01 -1.45
C ARG B 92 29.69 -19.75 -2.11
N ILE B 93 30.79 -19.77 -1.35
CA ILE B 93 32.14 -19.76 -1.94
C ILE B 93 32.86 -21.05 -1.58
N ASP B 94 32.09 -22.13 -1.47
CA ASP B 94 32.61 -23.50 -1.31
C ASP B 94 33.27 -23.73 0.04
N VAL B 95 32.89 -22.99 1.07
CA VAL B 95 33.36 -23.25 2.42
C VAL B 95 32.37 -24.20 3.09
N GLU B 96 32.89 -25.28 3.67
CA GLU B 96 32.06 -26.23 4.38
C GLU B 96 31.59 -25.61 5.69
N ILE B 97 30.29 -25.45 5.83
CA ILE B 97 29.66 -24.99 7.07
C ILE B 97 28.73 -26.11 7.52
N PRO B 98 28.95 -26.70 8.70
CA PRO B 98 28.05 -27.78 9.16
C PRO B 98 26.64 -27.25 9.34
N ASP B 99 25.66 -28.13 9.06
CA ASP B 99 24.27 -27.76 9.26
C ASP B 99 24.01 -27.32 10.69
N THR B 100 24.79 -27.87 11.64
CA THR B 100 24.61 -27.55 13.05
C THR B 100 24.92 -26.10 13.36
N GLN B 101 25.62 -25.40 12.47
CA GLN B 101 26.07 -24.04 12.75
C GLN B 101 25.26 -22.97 12.03
N LEU B 102 24.28 -23.36 11.23
CA LEU B 102 23.54 -22.39 10.44
C LEU B 102 22.60 -21.55 11.30
N SER B 103 22.47 -20.29 10.91
CA SER B 103 21.67 -19.34 11.67
C SER B 103 21.14 -18.29 10.70
N VAL B 104 20.10 -17.57 11.14
CA VAL B 104 19.48 -16.57 10.27
C VAL B 104 20.52 -15.61 9.71
N GLN B 105 21.51 -15.23 10.52
CA GLN B 105 22.49 -14.24 10.06
C GLN B 105 23.52 -14.81 9.11
N SER B 106 23.61 -16.13 8.96
CA SER B 106 24.55 -16.76 8.05
C SER B 106 23.87 -17.50 6.89
N LEU B 107 22.58 -17.25 6.67
CA LEU B 107 21.84 -17.80 5.53
C LEU B 107 21.46 -16.66 4.59
N ASP B 108 21.36 -16.96 3.29
CA ASP B 108 20.93 -15.96 2.33
C ASP B 108 19.63 -16.35 1.62
N PRO B 109 18.93 -15.38 1.04
CA PRO B 109 17.70 -15.69 0.30
C PRO B 109 18.01 -16.65 -0.86
N PRO B 110 17.04 -17.50 -1.22
CA PRO B 110 15.68 -17.65 -0.67
C PRO B 110 15.63 -18.52 0.59
N GLU B 111 16.65 -19.32 0.87
CA GLU B 111 16.63 -20.13 2.08
C GLU B 111 16.46 -19.29 3.34
N HIS B 112 16.95 -18.04 3.33
CA HIS B 112 16.88 -17.14 4.49
C HIS B 112 15.43 -16.79 4.85
N GLY B 113 14.53 -16.78 3.86
CA GLY B 113 13.15 -16.39 4.11
C GLY B 113 12.43 -17.26 5.12
N ALA B 114 12.73 -18.56 5.14
CA ALA B 114 12.02 -19.46 6.06
C ALA B 114 12.22 -19.02 7.52
N ILE B 115 13.46 -18.94 8.00
CA ILE B 115 13.69 -18.58 9.39
C ILE B 115 13.36 -17.12 9.64
N ARG B 116 13.59 -16.27 8.65
CA ARG B 116 13.26 -14.85 8.79
C ARG B 116 11.76 -14.64 9.00
N HIS B 117 10.94 -15.30 8.17
CA HIS B 117 9.48 -15.22 8.30
C HIS B 117 9.05 -15.74 9.65
N LEU B 118 9.66 -16.83 10.11
CA LEU B 118 9.36 -17.37 11.42
C LEU B 118 9.63 -16.33 12.50
N LEU B 119 10.83 -15.72 12.46
CA LEU B 119 11.21 -14.77 13.50
C LEU B 119 10.39 -13.48 13.41
N VAL B 120 10.18 -12.98 12.20
CA VAL B 120 9.42 -11.75 12.04
C VAL B 120 7.97 -11.95 12.46
N SER B 121 7.35 -13.08 12.09
CA SER B 121 5.96 -13.32 12.48
C SER B 121 5.84 -13.35 14.00
N ALA B 122 6.75 -14.05 14.66
CA ALA B 122 6.68 -14.12 16.12
C ALA B 122 6.81 -12.73 16.75
N LEU B 123 7.65 -11.88 16.17
CA LEU B 123 7.87 -10.55 16.72
C LEU B 123 6.59 -9.74 16.78
N HIS B 124 5.81 -9.71 15.69
CA HIS B 124 4.60 -8.92 15.66
C HIS B 124 3.45 -9.50 16.48
N GLU B 125 3.55 -10.73 16.95
CA GLU B 125 2.57 -11.28 17.89
C GLU B 125 2.75 -10.71 19.30
N GLN B 126 3.85 -10.01 19.57
CA GLN B 126 4.09 -9.41 20.88
C GLN B 126 3.42 -8.05 20.92
N PRO B 127 2.32 -7.87 21.66
CA PRO B 127 1.65 -6.55 21.68
C PRO B 127 2.59 -5.44 22.14
N LEU B 128 2.62 -4.35 21.38
CA LEU B 128 3.59 -3.28 21.64
C LEU B 128 3.27 -2.50 22.90
N SER B 129 2.00 -2.36 23.28
CA SER B 129 1.70 -1.65 24.53
C SER B 129 2.39 -2.35 25.70
N THR B 130 2.33 -3.68 25.74
CA THR B 130 3.01 -4.41 26.81
C THR B 130 4.52 -4.20 26.72
N VAL B 131 5.08 -4.32 25.52
CA VAL B 131 6.52 -4.17 25.35
C VAL B 131 6.97 -2.80 25.85
N ARG B 132 6.29 -1.74 25.43
CA ARG B 132 6.71 -0.40 25.85
C ARG B 132 6.61 -0.24 27.36
N GLN B 133 5.53 -0.75 27.96
CA GLN B 133 5.37 -0.66 29.40
C GLN B 133 6.52 -1.35 30.11
N GLN B 134 6.92 -2.53 29.64
CA GLN B 134 8.07 -3.21 30.21
C GLN B 134 9.33 -2.37 30.00
N PHE B 135 9.57 -1.95 28.76
CA PHE B 135 10.78 -1.20 28.46
C PHE B 135 10.86 0.07 29.28
N ALA B 136 9.73 0.79 29.40
CA ALA B 136 9.70 2.02 30.17
C ALA B 136 9.95 1.76 31.65
N ALA B 137 9.33 0.73 32.21
CA ALA B 137 9.53 0.42 33.61
C ALA B 137 10.97 -0.02 33.90
N ILE B 138 11.56 -0.82 33.00
CA ILE B 138 12.94 -1.24 33.21
C ILE B 138 13.89 -0.03 33.20
N ALA B 139 13.70 0.87 32.24
CA ALA B 139 14.56 2.05 32.17
C ALA B 139 14.37 2.96 33.39
N ALA B 140 13.11 3.19 33.79
CA ALA B 140 12.85 4.05 34.93
C ALA B 140 13.42 3.47 36.22
N GLN B 141 13.31 2.14 36.38
CA GLN B 141 13.82 1.49 37.58
C GLN B 141 15.33 1.69 37.72
N HIS B 142 16.09 1.48 36.65
CA HIS B 142 17.54 1.58 36.77
C HIS B 142 17.99 3.03 36.91
N LEU B 143 17.27 3.98 36.33
CA LEU B 143 17.61 5.39 36.53
C LEU B 143 17.38 5.84 37.97
N ALA B 144 16.29 5.37 38.59
CA ALA B 144 16.03 5.69 39.98
C ALA B 144 17.12 5.14 40.90
N GLU B 145 17.58 3.91 40.65
CA GLU B 145 18.71 3.38 41.42
C GLU B 145 19.91 4.30 41.39
N LEU B 146 20.17 4.90 40.23
CA LEU B 146 21.29 5.83 40.08
C LEU B 146 21.07 7.08 40.88
N SER B 147 19.83 7.47 41.09
CA SER B 147 19.58 8.72 41.78
C SER B 147 19.90 8.54 43.26
N GLY B 148 20.38 9.62 43.87
CA GLY B 148 20.83 9.56 45.24
C GLY B 148 22.24 9.02 45.42
N GLN B 149 22.89 8.57 44.36
CA GLN B 149 24.27 8.15 44.40
C GLN B 149 25.16 9.39 44.35
N PRO B 150 25.73 9.79 45.49
CA PRO B 150 26.43 11.09 45.52
C PRO B 150 27.66 11.11 44.64
N GLY B 151 28.41 10.02 44.61
CA GLY B 151 29.64 9.95 43.87
C GLY B 151 29.43 9.90 42.36
N THR B 152 30.53 9.58 41.69
CA THR B 152 30.52 9.33 40.26
C THR B 152 30.02 7.91 40.03
N VAL B 153 29.21 7.73 38.98
CA VAL B 153 28.63 6.42 38.70
C VAL B 153 28.90 6.06 37.26
N ASP B 154 29.11 4.76 37.02
CA ASP B 154 29.41 4.24 35.69
C ASP B 154 28.11 3.81 35.04
N LEU B 155 27.67 4.57 34.05
CA LEU B 155 26.40 4.28 33.41
C LEU B 155 26.44 2.98 32.62
N VAL B 156 27.62 2.48 32.28
CA VAL B 156 27.71 1.24 31.52
C VAL B 156 27.28 0.06 32.39
N SER B 157 27.91 -0.11 33.55
CA SER B 157 27.54 -1.20 34.42
C SER B 157 26.24 -0.91 35.18
N ARG B 158 25.92 0.36 35.43
CA ARG B 158 24.77 0.71 36.26
C ARG B 158 23.53 0.96 35.42
N PHE B 159 23.67 1.10 34.10
CA PHE B 159 22.49 1.36 33.29
C PHE B 159 22.49 0.60 31.98
N ALA B 160 23.41 0.91 31.05
CA ALA B 160 23.30 0.33 29.72
C ALA B 160 23.16 -1.18 29.78
N ARG B 161 24.05 -1.84 30.57
CA ARG B 161 24.04 -3.30 30.57
C ARG B 161 22.82 -3.87 31.29
N PRO B 162 22.55 -3.51 32.54
CA PRO B 162 21.41 -4.12 33.23
C PRO B 162 20.10 -3.82 32.51
N VAL B 163 19.97 -2.65 31.89
CA VAL B 163 18.76 -2.33 31.15
C VAL B 163 18.63 -3.24 29.95
N ALA B 164 19.74 -3.41 29.23
CA ALA B 164 19.73 -4.27 28.06
C ALA B 164 19.35 -5.70 28.42
N LEU B 165 19.96 -6.24 29.46
CA LEU B 165 19.70 -7.64 29.80
C LEU B 165 18.25 -7.85 30.20
N ARG B 166 17.72 -6.96 31.05
CA ARG B 166 16.32 -7.08 31.48
C ARG B 166 15.37 -6.84 30.32
N THR B 167 15.74 -5.95 29.41
CA THR B 167 14.92 -5.67 28.25
C THR B 167 14.81 -6.88 27.35
N ILE B 168 15.94 -7.49 27.01
CA ILE B 168 15.93 -8.57 26.03
C ILE B 168 15.29 -9.82 26.64
N THR B 169 15.56 -10.07 27.92
CA THR B 169 14.92 -11.21 28.57
C THR B 169 13.44 -10.95 28.81
N ALA B 170 13.06 -9.69 29.06
CA ALA B 170 11.64 -9.36 29.16
C ALA B 170 10.92 -9.63 27.84
N PHE B 171 11.51 -9.18 26.74
CA PHE B 171 10.93 -9.44 25.43
C PHE B 171 10.88 -10.93 25.12
N LEU B 172 11.97 -11.65 25.41
CA LEU B 172 11.98 -13.08 25.17
C LEU B 172 11.03 -13.85 26.10
N GLY B 173 10.64 -13.27 27.25
CA GLY B 173 9.77 -13.92 28.21
C GLY B 173 10.48 -15.01 28.98
N VAL B 174 11.67 -14.72 29.48
CA VAL B 174 12.48 -15.69 30.23
C VAL B 174 13.09 -14.97 31.43
N PRO B 175 13.42 -15.72 32.48
CA PRO B 175 14.02 -15.10 33.66
C PRO B 175 15.44 -14.64 33.36
N PRO B 176 15.80 -13.41 33.75
CA PRO B 176 17.13 -12.89 33.41
C PRO B 176 18.20 -13.76 34.03
N PRO B 177 19.30 -14.04 33.33
CA PRO B 177 20.46 -14.65 33.99
C PRO B 177 21.24 -13.61 34.79
N ASP B 178 22.19 -14.12 35.58
CA ASP B 178 23.03 -13.24 36.38
C ASP B 178 23.71 -12.24 35.46
N GLY B 179 23.59 -10.95 35.81
CA GLY B 179 24.03 -9.90 34.89
C GLY B 179 25.52 -9.90 34.67
N ALA B 180 26.29 -9.91 35.76
CA ALA B 180 27.75 -9.84 35.60
C ALA B 180 28.27 -11.05 34.85
N GLY B 181 27.82 -12.25 35.24
CA GLY B 181 28.26 -13.45 34.54
C GLY B 181 27.86 -13.46 33.07
N PHE B 182 26.63 -13.03 32.77
CA PHE B 182 26.19 -12.97 31.37
C PHE B 182 27.01 -11.97 30.59
N GLU B 183 27.22 -10.77 31.13
CA GLU B 183 28.06 -9.79 30.45
C GLU B 183 29.42 -10.39 30.13
N GLN B 184 29.96 -11.24 31.02
CA GLN B 184 31.28 -11.82 30.77
C GLN B 184 31.27 -12.79 29.59
N TRP B 185 30.26 -13.65 29.51
CA TRP B 185 30.13 -14.54 28.33
C TRP B 185 29.93 -13.73 27.07
N SER B 186 28.97 -12.81 27.10
CA SER B 186 28.62 -12.06 25.90
C SER B 186 29.78 -11.19 25.45
N ASN B 187 30.56 -10.64 26.39
CA ASN B 187 31.71 -9.84 25.98
C ASN B 187 32.76 -10.68 25.25
N ALA B 188 33.01 -11.89 25.75
CA ALA B 188 33.94 -12.79 25.08
C ALA B 188 33.54 -13.01 23.64
N ILE B 189 32.23 -13.12 23.38
CA ILE B 189 31.76 -13.33 22.02
C ILE B 189 31.99 -12.08 21.20
N VAL B 190 31.74 -10.91 21.78
CA VAL B 190 31.95 -9.66 21.06
C VAL B 190 33.42 -9.49 20.70
N ARG B 191 34.32 -9.81 21.64
N ARG B 191 34.32 -9.86 21.61
CA ARG B 191 35.74 -9.78 21.35
CA ARG B 191 35.74 -9.76 21.32
C ARG B 191 36.10 -10.71 20.21
C ARG B 191 36.13 -10.73 20.22
N SER B 192 35.51 -11.92 20.18
CA SER B 192 35.88 -12.89 19.15
C SER B 192 35.60 -12.38 17.75
N MET B 193 34.74 -11.36 17.60
CA MET B 193 34.50 -10.74 16.31
C MET B 193 35.75 -10.06 15.74
N ASP B 194 36.73 -9.70 16.56
CA ASP B 194 37.97 -9.13 16.09
C ASP B 194 39.09 -10.19 16.01
N ALA B 195 38.70 -11.46 15.91
CA ALA B 195 39.66 -12.55 15.86
C ALA B 195 40.53 -12.48 14.61
N GLY B 196 40.02 -11.88 13.54
CA GLY B 196 40.87 -11.62 12.38
C GLY B 196 42.07 -10.76 12.73
N ILE B 197 41.91 -9.86 13.70
CA ILE B 197 42.98 -8.99 14.15
C ILE B 197 43.78 -9.65 15.26
N GLU B 198 43.11 -10.21 16.28
CA GLU B 198 43.76 -10.86 17.41
C GLU B 198 43.31 -12.31 17.46
N PRO B 199 44.02 -13.23 16.79
CA PRO B 199 43.51 -14.60 16.67
C PRO B 199 43.18 -15.27 17.99
N ALA B 200 43.81 -14.88 19.10
CA ALA B 200 43.52 -15.50 20.38
C ALA B 200 42.10 -15.24 20.87
N ARG B 201 41.47 -14.17 20.42
CA ARG B 201 40.12 -13.86 20.87
C ARG B 201 39.09 -14.87 20.37
N ALA B 202 39.50 -15.82 19.53
CA ALA B 202 38.54 -16.70 18.88
C ALA B 202 38.03 -17.80 19.80
N GLU B 203 38.91 -18.51 20.48
CA GLU B 203 38.45 -19.64 21.27
C GLU B 203 37.53 -19.23 22.42
N PRO B 204 37.85 -18.22 23.22
CA PRO B 204 36.93 -17.82 24.30
C PRO B 204 35.53 -17.48 23.81
N GLY B 205 35.41 -17.06 22.56
CA GLY B 205 34.10 -16.80 22.00
C GLY B 205 33.32 -18.09 21.77
N ASN B 206 34.01 -19.13 21.29
CA ASN B 206 33.34 -20.41 21.04
C ASN B 206 32.78 -20.99 22.33
N GLN B 207 33.54 -20.91 23.42
CA GLN B 207 33.09 -21.43 24.70
C GLN B 207 31.88 -20.65 25.22
N ALA B 208 31.92 -19.32 25.09
CA ALA B 208 30.80 -18.52 25.55
C ALA B 208 29.55 -18.78 24.71
N ARG B 209 29.72 -19.00 23.39
CA ARG B 209 28.59 -19.41 22.56
C ARG B 209 27.93 -20.67 23.10
N ALA B 210 28.74 -21.69 23.43
CA ALA B 210 28.18 -22.92 23.98
C ALA B 210 27.35 -22.64 25.23
N GLU B 211 27.77 -21.66 26.03
CA GLU B 211 27.01 -21.31 27.23
C GLU B 211 25.67 -20.69 26.86
N LEU B 212 25.67 -19.76 25.90
CA LEU B 212 24.42 -19.15 25.46
C LEU B 212 23.53 -20.19 24.79
N SER B 213 24.13 -21.13 24.07
CA SER B 213 23.37 -22.21 23.47
C SER B 213 22.67 -23.03 24.54
N ARG B 214 23.34 -23.27 25.67
CA ARG B 214 22.71 -24.05 26.73
C ARG B 214 21.56 -23.27 27.34
N LEU B 215 21.74 -21.96 27.51
CA LEU B 215 20.66 -21.11 28.00
C LEU B 215 19.44 -21.17 27.08
N VAL B 216 19.66 -21.00 25.77
CA VAL B 216 18.57 -21.00 24.80
C VAL B 216 17.87 -22.36 24.74
N THR B 217 18.65 -23.44 24.78
CA THR B 217 18.05 -24.78 24.82
C THR B 217 17.11 -24.94 26.01
N HIS B 218 17.51 -24.43 27.17
CA HIS B 218 16.65 -24.55 28.34
C HIS B 218 15.37 -23.77 28.13
N TRP B 219 15.48 -22.56 27.57
CA TRP B 219 14.30 -21.73 27.35
C TRP B 219 13.36 -22.39 26.36
N LEU B 220 13.90 -22.95 25.29
CA LEU B 220 13.02 -23.61 24.33
C LEU B 220 12.26 -24.76 24.98
N ALA B 221 12.87 -25.42 25.96
CA ALA B 221 12.20 -26.56 26.57
C ALA B 221 11.16 -26.15 27.60
N GLU B 222 11.37 -25.04 28.29
CA GLU B 222 10.59 -24.75 29.48
C GLU B 222 9.91 -23.39 29.49
N ALA B 223 10.25 -22.49 28.57
CA ALA B 223 9.87 -21.09 28.69
C ALA B 223 8.38 -20.87 28.49
N ASP B 224 7.88 -19.77 29.08
CA ASP B 224 6.49 -19.36 28.99
C ASP B 224 6.09 -19.10 27.55
N GLU B 225 4.79 -19.22 27.29
CA GLU B 225 4.21 -18.92 25.99
C GLU B 225 4.03 -17.42 25.74
N ARG B 226 4.19 -16.58 26.75
CA ARG B 226 3.90 -15.15 26.59
C ARG B 226 5.02 -14.35 25.93
N GLY B 227 6.23 -14.88 25.84
CA GLY B 227 7.35 -14.15 25.30
C GLY B 227 7.73 -14.58 23.89
N PHE B 228 8.75 -13.92 23.38
CA PHE B 228 9.22 -14.17 22.02
C PHE B 228 9.67 -15.60 21.87
N VAL B 229 10.35 -16.15 22.87
CA VAL B 229 10.71 -17.57 22.79
C VAL B 229 9.46 -18.41 22.57
N GLY B 230 8.42 -18.17 23.38
CA GLY B 230 7.19 -18.91 23.22
C GLY B 230 6.55 -18.68 21.86
N ALA B 231 6.59 -17.43 21.37
CA ALA B 231 5.95 -17.13 20.09
C ALA B 231 6.73 -17.73 18.93
N ALA B 232 8.05 -17.78 19.03
CA ALA B 232 8.84 -18.34 17.93
C ALA B 232 8.67 -19.85 17.84
N ARG B 233 8.49 -20.48 18.99
CA ARG B 233 8.29 -21.91 19.09
C ARG B 233 6.99 -22.34 18.40
N ARG B 234 5.94 -21.53 18.55
CA ARG B 234 4.70 -21.78 17.80
C ARG B 234 4.86 -21.45 16.33
N ALA B 235 5.52 -20.33 16.03
CA ALA B 235 5.73 -20.00 14.62
C ALA B 235 6.44 -21.13 13.89
N ALA B 236 7.34 -21.81 14.60
CA ALA B 236 8.09 -22.89 13.98
C ALA B 236 7.21 -24.07 13.62
N ARG B 237 6.00 -24.16 14.21
CA ARG B 237 5.10 -25.26 13.85
C ARG B 237 4.49 -25.07 12.47
N ALA B 238 4.43 -23.83 11.96
CA ALA B 238 3.77 -23.54 10.68
C ALA B 238 4.69 -23.76 9.49
N GLN B 239 5.95 -24.13 9.73
CA GLN B 239 6.86 -24.54 8.66
C GLN B 239 7.80 -25.60 9.23
N ASP B 240 8.86 -25.92 8.48
CA ASP B 240 9.81 -26.95 8.86
C ASP B 240 11.22 -26.38 8.74
N VAL B 241 11.54 -25.45 9.62
CA VAL B 241 12.90 -24.93 9.76
C VAL B 241 13.68 -25.87 10.67
N PRO B 242 14.79 -26.44 10.21
CA PRO B 242 15.57 -27.33 11.09
C PRO B 242 15.78 -26.73 12.49
N ALA B 243 15.78 -27.60 13.49
CA ALA B 243 15.77 -27.13 14.88
C ALA B 243 17.05 -26.37 15.22
N ALA B 244 18.19 -26.80 14.67
CA ALA B 244 19.43 -26.09 14.94
C ALA B 244 19.42 -24.67 14.40
N VAL B 245 18.72 -24.44 13.28
CA VAL B 245 18.65 -23.09 12.74
C VAL B 245 17.83 -22.21 13.67
N LEU B 246 16.80 -22.75 14.31
CA LEU B 246 15.99 -21.95 15.21
C LEU B 246 16.77 -21.66 16.48
N ALA B 247 17.40 -22.68 17.04
CA ALA B 247 18.14 -22.48 18.28
C ALA B 247 19.30 -21.49 18.07
N ASN B 248 20.04 -21.64 16.97
CA ASN B 248 21.10 -20.69 16.67
C ASN B 248 20.56 -19.29 16.47
N SER B 249 19.41 -19.16 15.79
CA SER B 249 18.85 -17.83 15.54
C SER B 249 18.30 -17.20 16.83
N LEU B 250 17.64 -17.98 17.67
CA LEU B 250 17.24 -17.43 18.97
C LEU B 250 18.45 -17.00 19.80
N ARG B 251 19.56 -17.76 19.72
CA ARG B 251 20.78 -17.33 20.37
C ARG B 251 21.24 -16.00 19.82
N ALA B 252 21.05 -15.77 18.51
CA ALA B 252 21.45 -14.52 17.87
C ALA B 252 20.56 -13.37 18.31
N VAL B 253 19.27 -13.63 18.47
CA VAL B 253 18.39 -12.60 19.03
C VAL B 253 18.83 -12.27 20.45
N LEU B 254 19.14 -13.29 21.26
CA LEU B 254 19.62 -13.02 22.61
C LEU B 254 20.88 -12.15 22.60
N HIS B 255 21.90 -12.61 21.88
CA HIS B 255 23.20 -11.94 21.98
C HIS B 255 23.19 -10.59 21.27
N ALA B 256 22.61 -10.54 20.08
CA ALA B 256 22.61 -9.30 19.32
C ALA B 256 21.76 -8.25 20.01
N GLY B 257 20.57 -8.63 20.48
CA GLY B 257 19.73 -7.66 21.16
C GLY B 257 20.37 -7.16 22.45
N TYR B 258 21.07 -8.04 23.17
CA TYR B 258 21.73 -7.58 24.39
C TYR B 258 22.83 -6.60 24.06
N GLU B 259 23.79 -7.00 23.23
CA GLU B 259 24.98 -6.18 23.00
C GLU B 259 24.66 -4.93 22.21
N SER B 260 23.74 -5.04 21.24
CA SER B 260 23.44 -3.87 20.41
C SER B 260 22.70 -2.81 21.22
N VAL B 261 21.74 -3.22 22.04
CA VAL B 261 21.06 -2.25 22.88
C VAL B 261 22.01 -1.73 23.94
N SER B 262 22.78 -2.62 24.54
CA SER B 262 23.73 -2.20 25.58
C SER B 262 24.74 -1.16 25.03
N ARG B 263 25.29 -1.43 23.86
CA ARG B 263 26.31 -0.56 23.28
C ARG B 263 25.71 0.70 22.67
N LEU B 264 24.52 0.63 22.08
CA LEU B 264 23.81 1.85 21.70
C LEU B 264 23.56 2.75 22.91
N LEU B 265 23.09 2.17 24.01
CA LEU B 265 22.75 3.01 25.17
C LEU B 265 23.97 3.70 25.74
N GLY B 266 25.11 3.00 25.83
CA GLY B 266 26.34 3.65 26.27
C GLY B 266 26.72 4.82 25.38
N GLY B 267 26.65 4.63 24.05
CA GLY B 267 27.01 5.69 23.13
C GLY B 267 26.06 6.88 23.22
N VAL B 268 24.76 6.60 23.19
CA VAL B 268 23.78 7.70 23.26
C VAL B 268 23.90 8.43 24.59
N LEU B 269 24.07 7.68 25.69
CA LEU B 269 24.28 8.32 26.99
C LEU B 269 25.54 9.16 26.98
N ALA B 270 26.60 8.67 26.34
CA ALA B 270 27.87 9.40 26.32
C ALA B 270 27.72 10.76 25.63
N ARG B 271 26.93 10.82 24.56
CA ARG B 271 26.66 12.10 23.92
C ARG B 271 25.66 12.95 24.73
N LEU B 272 24.60 12.34 25.27
CA LEU B 272 23.54 13.11 25.92
C LEU B 272 24.01 13.81 27.19
N VAL B 273 25.00 13.25 27.89
CA VAL B 273 25.49 13.96 29.06
C VAL B 273 26.31 15.16 28.62
N ARG B 274 27.08 15.01 27.53
CA ARG B 274 27.82 16.15 27.00
C ARG B 274 26.88 17.24 26.47
N HIS B 275 25.72 16.85 25.97
CA HIS B 275 24.83 17.75 25.24
C HIS B 275 23.40 17.56 25.72
N PRO B 276 23.13 17.92 26.98
CA PRO B 276 21.77 17.79 27.51
C PRO B 276 20.76 18.60 26.76
N GLU B 277 21.18 19.59 25.97
CA GLU B 277 20.25 20.34 25.14
C GLU B 277 19.53 19.42 24.16
N LEU B 278 20.12 18.27 23.84
CA LEU B 278 19.43 17.32 22.98
C LEU B 278 18.11 16.84 23.58
N LEU B 279 18.02 16.83 24.91
CA LEU B 279 16.80 16.39 25.57
C LEU B 279 15.79 17.51 25.77
N ALA B 280 16.14 18.75 25.43
CA ALA B 280 15.25 19.88 25.65
C ALA B 280 14.40 20.21 24.43
N GLY B 281 14.41 19.34 23.42
CA GLY B 281 13.69 19.62 22.19
C GLY B 281 12.19 19.61 22.38
N PRO B 282 11.43 19.64 21.28
CA PRO B 282 9.97 19.70 21.42
C PRO B 282 9.41 18.51 22.17
N ALA B 283 10.06 17.36 22.07
CA ALA B 283 9.64 16.13 22.74
C ALA B 283 8.28 15.65 22.22
N THR B 284 7.93 16.04 20.99
CA THR B 284 6.80 15.43 20.32
C THR B 284 7.25 14.09 19.77
N ARG B 285 6.30 13.31 19.26
CA ARG B 285 6.65 12.02 18.67
C ARG B 285 7.53 12.21 17.43
N ASP B 286 7.09 13.06 16.51
CA ASP B 286 7.89 13.27 15.32
C ASP B 286 9.23 13.91 15.69
N ALA B 287 9.25 14.77 16.70
CA ALA B 287 10.49 15.39 17.12
C ALA B 287 11.46 14.35 17.69
N ASP B 288 10.98 13.42 18.53
CA ASP B 288 11.85 12.38 19.05
C ASP B 288 12.19 11.34 17.99
N GLU B 289 11.28 11.06 17.07
N GLU B 289 11.26 11.05 17.07
CA GLU B 289 11.59 10.14 15.98
CA GLU B 289 11.57 10.15 15.96
C GLU B 289 12.79 10.63 15.18
C GLU B 289 12.79 10.63 15.21
N ALA B 290 12.87 11.93 14.93
CA ALA B 290 14.04 12.48 14.27
C ALA B 290 15.29 12.44 15.17
N LEU B 291 15.16 12.74 16.45
CA LEU B 291 16.31 12.69 17.35
C LEU B 291 16.82 11.26 17.50
N VAL B 292 15.90 10.31 17.72
CA VAL B 292 16.32 8.92 17.81
C VAL B 292 17.04 8.50 16.53
N ASP B 293 16.51 8.93 15.38
CA ASP B 293 17.13 8.53 14.13
C ASP B 293 18.56 9.01 14.07
N GLU B 294 18.81 10.26 14.49
CA GLU B 294 20.16 10.81 14.50
C GLU B 294 21.05 10.13 15.52
N LEU B 295 20.52 9.88 16.70
CA LEU B 295 21.31 9.22 17.73
C LEU B 295 21.71 7.83 17.30
N ILE B 296 20.84 7.12 16.57
CA ILE B 296 21.23 5.80 16.07
C ILE B 296 22.20 5.94 14.90
N ARG B 297 21.98 6.92 14.03
CA ARG B 297 22.92 7.11 12.94
C ARG B 297 24.32 7.41 13.48
N LEU B 298 24.40 8.29 14.48
CA LEU B 298 25.70 8.72 14.98
C LEU B 298 26.36 7.70 15.91
N ASP B 299 25.59 7.11 16.82
CA ASP B 299 26.10 6.28 17.90
C ASP B 299 25.73 4.80 17.77
N GLY B 300 25.22 4.37 16.63
CA GLY B 300 25.02 2.97 16.42
C GLY B 300 26.30 2.18 16.61
N PRO B 301 26.26 1.11 17.41
CA PRO B 301 27.52 0.45 17.81
C PRO B 301 28.18 -0.39 16.72
N VAL B 302 27.44 -0.81 15.69
CA VAL B 302 28.01 -1.71 14.70
C VAL B 302 28.98 -0.91 13.84
N GLN B 303 30.28 -1.21 13.95
CA GLN B 303 31.27 -0.52 13.14
C GLN B 303 31.61 -1.27 11.87
N ALA B 304 31.44 -2.60 11.89
CA ALA B 304 31.81 -3.43 10.75
C ALA B 304 30.78 -4.54 10.57
N ASP B 305 30.42 -4.76 9.30
CA ASP B 305 29.39 -5.71 8.88
C ASP B 305 29.97 -6.41 7.65
N ALA B 306 30.30 -7.69 7.78
CA ALA B 306 31.10 -8.35 6.76
C ALA B 306 30.23 -9.12 5.76
N ARG B 307 30.79 -9.30 4.56
CA ARG B 307 30.17 -10.03 3.47
C ARG B 307 31.26 -10.75 2.71
N VAL B 308 30.86 -11.77 1.95
CA VAL B 308 31.76 -12.41 1.00
C VAL B 308 31.26 -12.11 -0.41
N CYS B 309 32.18 -11.82 -1.30
CA CYS B 309 31.86 -11.73 -2.72
C CYS B 309 31.67 -13.14 -3.28
N VAL B 310 30.51 -13.37 -3.91
CA VAL B 310 30.17 -14.67 -4.46
C VAL B 310 30.50 -14.69 -5.96
N ARG B 311 30.45 -13.52 -6.59
CA ARG B 311 30.80 -13.40 -8.00
C ARG B 311 31.48 -12.06 -8.20
N ASP B 312 32.53 -12.06 -9.05
CA ASP B 312 33.22 -10.83 -9.35
C ASP B 312 32.21 -9.72 -9.58
N GLN B 313 32.49 -8.57 -9.00
CA GLN B 313 31.53 -7.49 -9.05
C GLN B 313 32.22 -6.18 -8.70
N PRO B 314 32.05 -5.14 -9.52
CA PRO B 314 32.63 -3.85 -9.16
C PRO B 314 31.93 -3.24 -7.96
N VAL B 315 32.72 -2.68 -7.06
CA VAL B 315 32.23 -1.94 -5.91
C VAL B 315 32.94 -0.60 -5.95
N GLY B 316 32.18 0.47 -6.16
CA GLY B 316 32.81 1.74 -6.43
C GLY B 316 33.77 1.61 -7.57
N ALA B 317 35.00 2.09 -7.35
CA ALA B 317 36.03 2.13 -8.39
C ALA B 317 36.84 0.86 -8.47
N GLN B 318 36.53 -0.14 -7.63
CA GLN B 318 37.29 -1.37 -7.57
C GLN B 318 36.50 -2.53 -8.12
N LEU B 319 37.23 -3.55 -8.54
CA LEU B 319 36.66 -4.84 -8.91
C LEU B 319 36.89 -5.80 -7.76
N VAL B 320 35.82 -6.25 -7.17
CA VAL B 320 35.89 -7.24 -6.10
C VAL B 320 35.77 -8.61 -6.74
N ARG B 321 36.59 -9.56 -6.28
CA ARG B 321 36.70 -10.86 -6.92
C ARG B 321 35.99 -11.87 -6.03
N ARG B 322 35.50 -12.93 -6.64
CA ARG B 322 34.88 -14.01 -5.89
C ARG B 322 35.84 -14.53 -4.82
N GLY B 323 35.31 -14.71 -3.61
CA GLY B 323 36.09 -15.13 -2.49
C GLY B 323 36.61 -14.01 -1.61
N ASP B 324 36.66 -12.77 -2.11
CA ASP B 324 37.13 -11.67 -1.30
C ASP B 324 36.13 -11.36 -0.20
N VAL B 325 36.64 -11.05 0.99
CA VAL B 325 35.81 -10.62 2.10
C VAL B 325 35.72 -9.10 2.08
N LEU B 326 34.52 -8.56 2.23
CA LEU B 326 34.30 -7.12 2.30
C LEU B 326 33.80 -6.83 3.69
N VAL B 327 34.48 -5.94 4.39
CA VAL B 327 34.04 -5.43 5.68
C VAL B 327 33.40 -4.08 5.44
N LEU B 328 32.09 -4.01 5.58
CA LEU B 328 31.37 -2.75 5.39
C LEU B 328 31.44 -1.93 6.68
N PHE B 329 32.11 -0.76 6.62
CA PHE B 329 32.22 0.13 7.78
C PHE B 329 30.97 1.01 7.82
N ILE B 330 29.86 0.41 8.28
CA ILE B 330 28.58 1.10 8.18
C ILE B 330 28.54 2.31 9.10
N ALA B 331 29.30 2.30 10.20
CA ALA B 331 29.37 3.49 11.04
C ALA B 331 30.03 4.67 10.30
N ALA B 332 31.07 4.40 9.52
CA ALA B 332 31.71 5.41 8.69
C ALA B 332 30.78 5.90 7.58
N ALA B 333 30.14 4.98 6.88
CA ALA B 333 29.15 5.35 5.87
C ALA B 333 28.07 6.28 6.41
N ASN B 334 27.64 6.07 7.67
CA ASN B 334 26.66 6.94 8.32
C ASN B 334 27.24 8.33 8.63
N ARG B 335 28.53 8.55 8.34
CA ARG B 335 29.12 9.89 8.38
C ARG B 335 29.59 10.33 7.00
N ASP B 336 29.13 9.70 5.93
CA ASP B 336 29.52 10.11 4.58
C ASP B 336 28.95 11.49 4.28
N PRO B 337 29.77 12.51 4.06
CA PRO B 337 29.22 13.87 3.86
C PRO B 337 28.37 13.99 2.62
N ALA B 338 28.55 13.12 1.61
CA ALA B 338 27.71 13.20 0.42
C ALA B 338 26.22 12.93 0.74
N VAL B 339 25.96 12.11 1.74
CA VAL B 339 24.60 11.79 2.13
C VAL B 339 24.18 12.49 3.40
N PHE B 340 25.13 12.79 4.32
CA PHE B 340 24.86 13.44 5.59
C PHE B 340 25.77 14.67 5.68
N PRO B 341 25.37 15.79 5.07
CA PRO B 341 26.14 17.02 5.26
C PRO B 341 26.24 17.40 6.74
N ASP B 342 27.39 17.96 7.12
CA ASP B 342 27.71 18.17 8.53
C ASP B 342 27.47 16.85 9.25
N PRO B 343 28.19 15.79 8.86
CA PRO B 343 27.76 14.44 9.24
C PRO B 343 27.91 14.14 10.72
N ASP B 344 28.84 14.80 11.40
CA ASP B 344 29.06 14.59 12.82
C ASP B 344 28.06 15.38 13.67
N ALA B 345 27.11 16.06 13.05
CA ALA B 345 26.16 16.90 13.77
C ALA B 345 24.80 16.21 13.88
N VAL B 346 24.14 16.40 15.02
CA VAL B 346 22.72 16.06 15.13
C VAL B 346 21.92 17.10 14.34
N ARG B 347 21.19 16.63 13.32
CA ARG B 347 20.33 17.49 12.52
C ARG B 347 18.97 16.84 12.38
N LEU B 348 17.92 17.49 12.89
CA LEU B 348 16.64 16.84 13.07
C LEU B 348 15.76 16.92 11.83
N THR B 349 16.26 17.50 10.75
CA THR B 349 15.49 17.67 9.52
C THR B 349 16.08 16.88 8.36
N ARG B 350 16.94 15.91 8.63
CA ARG B 350 17.38 15.00 7.58
C ARG B 350 16.22 14.09 7.16
N ARG B 351 16.30 13.58 5.94
CA ARG B 351 15.30 12.62 5.45
C ARG B 351 15.45 11.27 6.15
N ARG B 352 14.32 10.66 6.49
CA ARG B 352 14.32 9.35 7.14
C ARG B 352 14.67 8.25 6.15
N GLY B 353 15.05 7.08 6.69
CA GLY B 353 15.29 5.88 5.91
C GLY B 353 16.65 5.78 5.29
N LEU B 354 17.60 6.64 5.71
CA LEU B 354 18.92 6.67 5.09
C LEU B 354 19.98 5.90 5.88
N HIS B 355 20.06 6.06 7.19
CA HIS B 355 21.20 5.51 7.91
C HIS B 355 21.21 3.99 7.82
N LEU B 356 22.41 3.42 7.88
CA LEU B 356 22.66 2.00 7.74
C LEU B 356 22.96 1.33 9.08
N ALA B 357 22.62 1.98 10.20
CA ALA B 357 23.02 1.46 11.50
C ALA B 357 22.26 0.20 11.87
N PHE B 358 21.12 -0.02 11.23
CA PHE B 358 20.37 -1.27 11.30
C PHE B 358 20.59 -2.15 10.08
N GLY B 359 21.61 -1.79 9.27
CA GLY B 359 21.84 -2.51 8.02
C GLY B 359 20.72 -2.18 7.04
N ARG B 360 20.57 -3.04 6.04
CA ARG B 360 19.76 -2.69 4.89
C ARG B 360 19.53 -3.95 4.07
N GLY B 361 18.30 -4.10 3.58
CA GLY B 361 17.94 -5.22 2.73
C GLY B 361 17.53 -6.46 3.50
N ALA B 362 17.90 -7.63 2.99
CA ALA B 362 17.32 -8.86 3.51
C ALA B 362 17.66 -9.10 4.99
N HIS B 363 18.87 -8.73 5.41
CA HIS B 363 19.35 -8.98 6.76
C HIS B 363 19.15 -7.80 7.70
N ALA B 364 18.44 -6.77 7.25
CA ALA B 364 18.20 -5.60 8.09
C ALA B 364 17.76 -6.03 9.49
N CYS B 365 18.20 -5.28 10.50
CA CYS B 365 17.95 -5.66 11.89
C CYS B 365 16.50 -6.08 12.12
N LEU B 366 16.31 -7.32 12.55
CA LEU B 366 14.97 -7.76 12.94
C LEU B 366 14.43 -6.96 14.13
N GLY B 367 15.31 -6.43 14.98
CA GLY B 367 14.85 -5.77 16.18
C GLY B 367 14.79 -4.27 16.11
N ALA B 368 14.92 -3.69 14.92
CA ALA B 368 15.07 -2.24 14.82
C ALA B 368 13.89 -1.55 15.47
N GLY B 369 12.68 -1.99 15.18
CA GLY B 369 11.52 -1.36 15.78
C GLY B 369 11.58 -1.40 17.29
N LEU B 370 12.06 -2.51 17.85
CA LEU B 370 12.18 -2.64 19.29
C LEU B 370 13.24 -1.70 19.82
N ALA B 371 14.39 -1.61 19.13
CA ALA B 371 15.49 -0.77 19.61
C ALA B 371 15.10 0.71 19.59
N THR B 372 14.50 1.18 18.49
CA THR B 372 14.09 2.57 18.46
C THR B 372 13.01 2.85 19.50
N LEU B 373 12.09 1.90 19.68
CA LEU B 373 11.12 2.01 20.77
C LEU B 373 11.84 2.14 22.09
N GLN B 374 12.81 1.25 22.33
CA GLN B 374 13.49 1.21 23.60
C GLN B 374 14.26 2.49 23.84
N LEU B 375 14.96 2.99 22.80
CA LEU B 375 15.72 4.23 22.95
C LEU B 375 14.76 5.38 23.23
N ARG B 376 13.63 5.38 22.54
CA ARG B 376 12.59 6.36 22.81
C ARG B 376 12.19 6.36 24.27
N GLU B 377 11.92 5.18 24.83
CA GLU B 377 11.53 5.11 26.24
C GLU B 377 12.64 5.59 27.18
N VAL B 378 13.90 5.39 26.80
CA VAL B 378 15.03 5.89 27.60
C VAL B 378 15.07 7.41 27.59
N LEU B 379 14.92 8.03 26.41
CA LEU B 379 14.88 9.49 26.36
C LEU B 379 13.81 10.02 27.29
N GLY B 380 12.64 9.41 27.25
CA GLY B 380 11.58 9.90 28.11
C GLY B 380 11.93 9.73 29.57
N ALA B 381 12.54 8.61 29.91
CA ALA B 381 12.88 8.35 31.30
C ALA B 381 13.83 9.39 31.83
N LEU B 382 14.80 9.82 31.01
CA LEU B 382 15.78 10.84 31.39
C LEU B 382 15.11 12.19 31.65
N ARG B 383 14.18 12.57 30.77
CA ARG B 383 13.50 13.86 30.94
C ARG B 383 12.59 13.85 32.16
N ALA B 384 11.88 12.74 32.40
CA ALA B 384 11.03 12.64 33.59
C ALA B 384 11.84 12.49 34.87
N GLY B 385 13.09 12.02 34.78
CA GLY B 385 13.90 11.85 35.97
C GLY B 385 14.49 13.14 36.48
N GLY B 386 14.69 14.11 35.60
CA GLY B 386 15.27 15.38 35.98
C GLY B 386 16.63 15.27 36.65
N LEU B 387 17.26 14.10 36.59
CA LEU B 387 18.61 13.98 37.11
C LEU B 387 19.55 14.68 36.15
N ARG B 388 20.44 15.50 36.68
CA ARG B 388 21.52 16.02 35.87
C ARG B 388 22.65 15.01 35.95
N LEU B 389 22.76 14.17 34.94
CA LEU B 389 23.95 13.33 34.80
C LEU B 389 25.02 14.19 34.14
N ALA B 390 26.02 14.57 34.92
CA ALA B 390 27.03 15.46 34.40
C ALA B 390 28.32 14.70 34.22
N PRO B 391 29.06 14.95 33.14
CA PRO B 391 30.31 14.21 32.92
C PRO B 391 31.21 14.28 34.13
N ALA B 392 31.65 13.12 34.60
CA ALA B 392 32.71 13.03 35.60
C ALA B 392 34.01 12.63 34.95
N GLY B 393 34.21 13.06 33.70
CA GLY B 393 35.36 12.67 32.93
C GLY B 393 34.97 12.22 31.53
N PRO B 394 35.98 11.87 30.74
CA PRO B 394 35.73 11.40 29.38
C PRO B 394 35.18 9.97 29.38
N ALA B 395 34.49 9.63 28.29
CA ALA B 395 34.09 8.26 28.06
C ALA B 395 35.32 7.44 27.68
N ALA B 396 35.42 6.25 28.25
CA ALA B 396 36.50 5.33 27.98
C ALA B 396 35.90 4.19 27.17
N TYR B 397 36.53 3.88 26.05
CA TYR B 397 36.05 2.84 25.13
C TYR B 397 36.86 1.55 25.30
N GLU B 398 36.18 0.43 25.05
CA GLU B 398 36.68 -0.93 25.14
C GLU B 398 37.40 -1.28 23.83
N PRO B 399 38.46 -2.11 23.90
CA PRO B 399 39.15 -2.52 22.65
C PRO B 399 38.38 -3.58 21.86
N THR B 400 37.24 -3.16 21.34
CA THR B 400 36.43 -3.97 20.44
C THR B 400 36.24 -3.11 19.19
N ALA B 401 36.65 -3.63 18.04
CA ALA B 401 36.63 -2.85 16.81
C ALA B 401 35.35 -3.07 15.98
N THR B 402 34.79 -4.29 16.01
CA THR B 402 33.62 -4.58 15.19
C THR B 402 32.36 -3.99 15.79
N LEU B 403 32.22 -4.13 17.11
CA LEU B 403 31.10 -3.57 17.86
C LEU B 403 31.68 -2.53 18.81
N ARG B 404 31.32 -1.27 18.62
CA ARG B 404 31.83 -0.22 19.49
C ARG B 404 31.20 -0.32 20.87
N GLY B 405 32.01 -0.21 21.89
CA GLY B 405 31.50 -0.24 23.24
C GLY B 405 32.33 0.57 24.21
N LEU B 406 31.64 1.18 25.16
CA LEU B 406 32.29 1.91 26.24
C LEU B 406 32.78 0.93 27.29
N ALA B 407 33.98 1.16 27.78
CA ALA B 407 34.42 0.49 28.99
C ALA B 407 33.82 1.15 30.22
N GLU B 408 33.62 2.46 30.19
CA GLU B 408 33.14 3.22 31.33
C GLU B 408 32.61 4.57 30.88
N LEU B 409 31.54 5.02 31.54
CA LEU B 409 30.90 6.32 31.27
C LEU B 409 30.72 6.97 32.63
N PRO B 410 31.76 7.63 33.15
CA PRO B 410 31.67 8.24 34.49
C PRO B 410 30.86 9.53 34.46
N VAL B 411 29.89 9.61 35.37
CA VAL B 411 29.04 10.79 35.51
C VAL B 411 28.85 11.06 36.99
N SER B 412 28.40 12.26 37.30
CA SER B 412 27.97 12.65 38.63
C SER B 412 26.46 12.78 38.61
N VAL B 413 25.85 12.47 39.73
CA VAL B 413 24.40 12.56 39.86
C VAL B 413 24.05 13.80 40.68
N ARG B 414 23.04 14.53 40.20
CA ARG B 414 22.63 15.77 40.82
C ARG B 414 21.11 15.90 40.80
N TYR C 35 -50.31 13.02 -0.31
CA TYR C 35 -49.90 14.38 0.03
C TYR C 35 -49.36 15.17 -1.19
N ASP C 36 -49.51 16.48 -1.08
CA ASP C 36 -49.14 17.41 -2.13
C ASP C 36 -47.73 17.92 -1.90
N PRO C 37 -46.76 17.58 -2.76
CA PRO C 37 -45.36 17.98 -2.48
C PRO C 37 -45.16 19.49 -2.35
N LEU C 38 -46.06 20.32 -2.88
CA LEU C 38 -45.90 21.76 -2.78
C LEU C 38 -46.81 22.37 -1.73
N ALA C 39 -47.56 21.56 -1.01
CA ALA C 39 -48.42 22.05 0.06
C ALA C 39 -47.57 22.73 1.14
N PRO C 40 -48.04 23.87 1.70
CA PRO C 40 -47.22 24.57 2.72
C PRO C 40 -46.76 23.67 3.86
N SER C 41 -47.64 22.83 4.41
CA SER C 41 -47.22 22.00 5.54
C SER C 41 -46.17 20.98 5.14
N VAL C 42 -46.22 20.48 3.90
CA VAL C 42 -45.17 19.59 3.43
C VAL C 42 -43.87 20.37 3.21
N ILE C 43 -43.95 21.48 2.49
CA ILE C 43 -42.78 22.29 2.22
C ILE C 43 -42.11 22.76 3.52
N ALA C 44 -42.88 22.94 4.59
CA ALA C 44 -42.28 23.38 5.85
C ALA C 44 -41.34 22.32 6.43
N ASP C 45 -41.68 21.04 6.24
CA ASP C 45 -40.91 19.93 6.79
C ASP C 45 -41.35 18.65 6.09
N PRO C 46 -40.72 18.31 4.96
CA PRO C 46 -41.18 17.14 4.18
C PRO C 46 -40.83 15.77 4.75
N TYR C 47 -39.90 15.67 5.66
CA TYR C 47 -39.33 14.37 5.99
C TYR C 47 -40.34 13.41 6.64
N PRO C 48 -41.23 13.89 7.54
CA PRO C 48 -42.27 12.97 8.04
C PRO C 48 -43.13 12.39 6.93
N PHE C 49 -43.38 13.17 5.86
CA PHE C 49 -44.15 12.63 4.75
C PHE C 49 -43.34 11.60 3.97
N TYR C 50 -42.04 11.87 3.78
CA TYR C 50 -41.15 10.85 3.21
C TYR C 50 -41.22 9.56 4.02
N ARG C 51 -41.12 9.67 5.35
CA ARG C 51 -41.09 8.47 6.19
C ARG C 51 -42.37 7.66 6.05
N LYS C 52 -43.52 8.35 6.07
CA LYS C 52 -44.78 7.66 5.88
C LYS C 52 -44.80 6.91 4.55
N LEU C 53 -44.27 7.52 3.49
CA LEU C 53 -44.17 6.78 2.23
C LEU C 53 -43.27 5.57 2.38
N ARG C 54 -42.04 5.79 2.86
CA ARG C 54 -41.12 4.67 3.06
C ARG C 54 -41.76 3.54 3.86
N GLU C 55 -42.52 3.89 4.92
CA GLU C 55 -43.08 2.85 5.79
C GLU C 55 -44.14 2.02 5.09
N THR C 56 -44.80 2.55 4.07
CA THR C 56 -45.78 1.72 3.37
C THR C 56 -45.15 0.93 2.21
N ASN C 57 -44.25 1.57 1.47
CA ASN C 57 -43.54 0.91 0.37
C ASN C 57 -42.33 1.73 -0.08
N THR C 58 -41.15 1.13 -0.04
CA THR C 58 -39.97 1.87 -0.47
C THR C 58 -40.04 2.23 -1.96
N VAL C 59 -40.80 1.46 -2.75
CA VAL C 59 -41.01 1.73 -4.17
C VAL C 59 -42.52 1.82 -4.40
N HIS C 60 -43.05 3.04 -4.47
CA HIS C 60 -44.48 3.32 -4.48
C HIS C 60 -44.85 4.07 -5.74
N TRP C 61 -45.92 3.62 -6.41
CA TRP C 61 -46.38 4.25 -7.64
C TRP C 61 -47.30 5.44 -7.37
N HIS C 62 -46.93 6.60 -7.93
CA HIS C 62 -47.69 7.85 -7.81
C HIS C 62 -48.52 8.09 -9.07
N GLU C 63 -49.85 8.04 -8.95
CA GLU C 63 -50.71 8.06 -10.13
C GLU C 63 -50.70 9.42 -10.83
N PHE C 64 -50.84 10.50 -10.07
CA PHE C 64 -51.00 11.82 -10.66
C PHE C 64 -49.68 12.40 -11.15
N LEU C 65 -48.55 11.86 -10.70
CA LEU C 65 -47.23 12.20 -11.22
C LEU C 65 -46.71 11.22 -12.27
N ASP C 66 -47.31 10.03 -12.41
CA ASP C 66 -46.91 9.06 -13.44
C ASP C 66 -45.45 8.63 -13.32
N SER C 67 -45.03 8.30 -12.10
CA SER C 67 -43.69 7.79 -11.88
C SER C 67 -43.61 7.03 -10.56
N TRP C 68 -42.64 6.12 -10.47
CA TRP C 68 -42.28 5.53 -9.18
C TRP C 68 -41.57 6.54 -8.28
N VAL C 69 -41.91 6.47 -6.99
CA VAL C 69 -41.28 7.25 -5.93
C VAL C 69 -40.54 6.26 -5.02
N VAL C 70 -39.23 6.46 -4.89
CA VAL C 70 -38.36 5.48 -4.24
C VAL C 70 -37.76 6.17 -3.02
N THR C 71 -38.14 5.69 -1.84
CA THR C 71 -37.73 6.30 -0.58
C THR C 71 -36.83 5.42 0.28
N GLY C 72 -36.58 4.17 -0.11
CA GLY C 72 -35.67 3.31 0.63
C GLY C 72 -34.21 3.52 0.25
N TYR C 73 -33.33 3.43 1.25
CA TYR C 73 -31.91 3.64 0.99
C TYR C 73 -31.36 2.58 0.03
N ALA C 74 -31.68 1.32 0.27
CA ALA C 74 -31.15 0.26 -0.56
C ALA C 74 -31.55 0.45 -2.01
N GLU C 75 -32.80 0.87 -2.25
CA GLU C 75 -33.31 0.97 -3.60
C GLU C 75 -32.70 2.15 -4.35
N CYS C 76 -32.59 3.30 -3.67
CA CYS C 76 -31.94 4.45 -4.29
C CYS C 76 -30.49 4.15 -4.64
N ARG C 77 -29.76 3.51 -3.72
CA ARG C 77 -28.36 3.19 -3.99
C ARG C 77 -28.26 2.23 -5.17
N GLN C 78 -29.18 1.27 -5.26
CA GLN C 78 -29.18 0.34 -6.38
C GLN C 78 -29.33 1.07 -7.70
N VAL C 79 -30.35 1.93 -7.80
CA VAL C 79 -30.67 2.55 -9.08
C VAL C 79 -29.59 3.55 -9.47
N LEU C 80 -29.09 4.31 -8.50
CA LEU C 80 -28.06 5.30 -8.80
C LEU C 80 -26.84 4.66 -9.45
N GLY C 81 -26.44 3.48 -8.94
CA GLY C 81 -25.24 2.82 -9.40
C GLY C 81 -25.40 1.96 -10.63
N ASP C 82 -26.64 1.73 -11.07
CA ASP C 82 -26.92 0.79 -12.16
C ASP C 82 -27.28 1.60 -13.41
N THR C 83 -26.26 1.97 -14.19
CA THR C 83 -26.48 2.62 -15.47
C THR C 83 -26.74 1.61 -16.59
N THR C 84 -26.69 0.31 -16.32
CA THR C 84 -27.01 -0.69 -17.34
C THR C 84 -28.52 -0.85 -17.54
N ASN C 85 -29.29 -0.81 -16.43
CA ASN C 85 -30.73 -0.99 -16.48
C ASN C 85 -31.51 0.31 -16.25
N PHE C 86 -30.84 1.35 -15.77
CA PHE C 86 -31.45 2.64 -15.49
C PHE C 86 -30.53 3.74 -16.02
N GLY C 87 -31.12 4.83 -16.50
CA GLY C 87 -30.33 5.88 -17.11
C GLY C 87 -30.89 7.26 -16.83
N SER C 88 -30.10 8.27 -17.25
CA SER C 88 -30.51 9.66 -17.26
C SER C 88 -30.71 10.19 -18.68
N ASP C 89 -30.36 9.40 -19.70
CA ASP C 89 -30.46 9.80 -21.12
C ASP C 89 -31.74 9.18 -21.68
N PHE C 90 -32.80 9.98 -21.78
CA PHE C 90 -34.09 9.45 -22.18
C PHE C 90 -34.09 8.97 -23.62
N ARG C 91 -33.02 9.23 -24.37
CA ARG C 91 -32.87 8.63 -25.70
C ARG C 91 -32.74 7.11 -25.65
N ARG C 92 -32.32 6.54 -24.53
CA ARG C 92 -32.21 5.08 -24.40
C ARG C 92 -33.56 4.41 -24.28
N ILE C 93 -34.65 5.17 -24.12
CA ILE C 93 -36.01 4.65 -24.21
C ILE C 93 -36.70 5.30 -25.40
N ASP C 94 -35.92 5.64 -26.43
CA ASP C 94 -36.44 6.04 -27.73
C ASP C 94 -37.14 7.40 -27.70
N VAL C 95 -36.75 8.29 -26.80
CA VAL C 95 -37.27 9.66 -26.79
C VAL C 95 -36.31 10.55 -27.57
N GLU C 96 -36.83 11.35 -28.48
CA GLU C 96 -35.99 12.24 -29.29
C GLU C 96 -35.50 13.41 -28.45
N ILE C 97 -34.18 13.51 -28.31
CA ILE C 97 -33.52 14.64 -27.68
C ILE C 97 -32.55 15.25 -28.69
N PRO C 98 -32.71 16.52 -29.07
CA PRO C 98 -31.75 17.13 -30.02
C PRO C 98 -30.34 17.15 -29.46
N ASP C 99 -29.36 17.06 -30.38
CA ASP C 99 -27.95 17.10 -29.99
C ASP C 99 -27.60 18.40 -29.25
N THR C 100 -28.29 19.50 -29.57
CA THR C 100 -28.01 20.78 -28.91
C THR C 100 -28.39 20.77 -27.44
N GLN C 101 -29.18 19.79 -26.99
CA GLN C 101 -29.66 19.74 -25.62
C GLN C 101 -28.86 18.81 -24.72
N LEU C 102 -27.85 18.12 -25.25
CA LEU C 102 -27.12 17.13 -24.47
C LEU C 102 -26.25 17.82 -23.43
N SER C 103 -26.17 17.20 -22.25
CA SER C 103 -25.40 17.77 -21.16
C SER C 103 -24.85 16.62 -20.32
N VAL C 104 -23.81 16.89 -19.55
CA VAL C 104 -23.17 15.83 -18.78
C VAL C 104 -24.20 15.07 -17.96
N GLN C 105 -25.20 15.77 -17.41
CA GLN C 105 -26.15 15.11 -16.52
C GLN C 105 -27.26 14.33 -17.23
N SER C 106 -27.41 14.48 -18.55
CA SER C 106 -28.41 13.72 -19.30
C SER C 106 -27.76 12.73 -20.25
N LEU C 107 -26.46 12.50 -20.09
CA LEU C 107 -25.73 11.52 -20.86
C LEU C 107 -25.33 10.39 -19.94
N ASP C 108 -25.34 9.18 -20.46
CA ASP C 108 -24.94 8.00 -19.72
C ASP C 108 -23.74 7.38 -20.40
N PRO C 109 -23.05 6.44 -19.77
CA PRO C 109 -21.99 5.73 -20.47
C PRO C 109 -22.52 5.13 -21.74
N PRO C 110 -21.71 5.07 -22.81
CA PRO C 110 -20.30 5.49 -22.88
C PRO C 110 -20.06 6.98 -23.18
N GLU C 111 -21.04 7.68 -23.77
CA GLU C 111 -20.83 9.07 -24.12
C GLU C 111 -20.59 9.97 -22.90
N HIS C 112 -21.06 9.55 -21.73
CA HIS C 112 -20.89 10.36 -20.52
C HIS C 112 -19.43 10.49 -20.14
N GLY C 113 -18.61 9.48 -20.42
CA GLY C 113 -17.21 9.54 -20.01
C GLY C 113 -16.48 10.71 -20.64
N ALA C 114 -16.83 11.03 -21.89
CA ALA C 114 -16.12 12.07 -22.62
C ALA C 114 -16.19 13.41 -21.90
N ILE C 115 -17.40 13.90 -21.65
CA ILE C 115 -17.53 15.21 -21.00
C ILE C 115 -17.16 15.12 -19.51
N ARG C 116 -17.48 13.99 -18.86
CA ARG C 116 -17.16 13.86 -17.44
C ARG C 116 -15.65 13.96 -17.19
N HIS C 117 -14.84 13.32 -18.05
CA HIS C 117 -13.39 13.44 -17.91
C HIS C 117 -12.94 14.90 -18.07
N LEU C 118 -13.41 15.56 -19.13
CA LEU C 118 -13.06 16.96 -19.35
C LEU C 118 -13.38 17.82 -18.13
N LEU C 119 -14.59 17.69 -17.59
CA LEU C 119 -14.96 18.50 -16.43
C LEU C 119 -14.11 18.15 -15.20
N VAL C 120 -13.88 16.87 -14.95
CA VAL C 120 -13.09 16.47 -13.79
C VAL C 120 -11.64 16.93 -13.95
N SER C 121 -11.12 16.89 -15.18
CA SER C 121 -9.76 17.35 -15.44
C SER C 121 -9.63 18.83 -15.14
N ALA C 122 -10.59 19.62 -15.63
CA ALA C 122 -10.59 21.05 -15.34
C ALA C 122 -10.72 21.29 -13.85
N LEU C 123 -11.52 20.46 -13.16
CA LEU C 123 -11.65 20.61 -11.72
C LEU C 123 -10.30 20.47 -11.02
N HIS C 124 -9.54 19.45 -11.38
CA HIS C 124 -8.27 19.19 -10.73
C HIS C 124 -7.19 20.19 -11.13
N GLU C 125 -7.41 20.99 -12.18
CA GLU C 125 -6.47 22.06 -12.45
C GLU C 125 -6.63 23.23 -11.47
N GLN C 126 -7.70 23.23 -10.68
CA GLN C 126 -7.91 24.27 -9.69
C GLN C 126 -7.16 23.88 -8.43
N PRO C 127 -6.03 24.51 -8.09
CA PRO C 127 -5.35 24.16 -6.85
C PRO C 127 -6.30 24.35 -5.68
N LEU C 128 -6.44 23.31 -4.85
CA LEU C 128 -7.41 23.37 -3.76
C LEU C 128 -6.99 24.38 -2.69
N SER C 129 -5.69 24.65 -2.57
CA SER C 129 -5.24 25.67 -1.62
C SER C 129 -5.80 27.04 -1.96
N THR C 130 -5.78 27.40 -3.25
CA THR C 130 -6.38 28.68 -3.65
C THR C 130 -7.89 28.67 -3.44
N VAL C 131 -8.55 27.58 -3.87
CA VAL C 131 -10.00 27.47 -3.72
C VAL C 131 -10.40 27.65 -2.25
N ARG C 132 -9.71 26.95 -1.35
CA ARG C 132 -10.06 27.07 0.06
C ARG C 132 -9.92 28.51 0.54
N GLN C 133 -8.80 29.16 0.21
CA GLN C 133 -8.61 30.54 0.61
C GLN C 133 -9.74 31.40 0.06
N GLN C 134 -10.10 31.22 -1.21
CA GLN C 134 -11.19 31.99 -1.79
C GLN C 134 -12.51 31.73 -1.06
N PHE C 135 -12.88 30.44 -0.91
CA PHE C 135 -14.16 30.14 -0.25
C PHE C 135 -14.19 30.71 1.17
N ALA C 136 -13.09 30.58 1.92
CA ALA C 136 -13.09 31.04 3.29
C ALA C 136 -13.26 32.55 3.37
N ALA C 137 -12.58 33.28 2.47
CA ALA C 137 -12.66 34.75 2.51
C ALA C 137 -14.06 35.24 2.22
N ILE C 138 -14.75 34.60 1.25
CA ILE C 138 -16.14 34.96 0.91
C ILE C 138 -17.05 34.74 2.12
N ALA C 139 -16.89 33.62 2.81
CA ALA C 139 -17.75 33.37 3.96
C ALA C 139 -17.51 34.41 5.06
N ALA C 140 -16.25 34.72 5.33
CA ALA C 140 -15.96 35.69 6.37
C ALA C 140 -16.46 37.08 6.01
N GLN C 141 -16.31 37.49 4.75
CA GLN C 141 -16.69 38.85 4.36
C GLN C 141 -18.19 39.07 4.55
N HIS C 142 -19.02 38.14 4.07
CA HIS C 142 -20.47 38.35 4.14
C HIS C 142 -20.95 38.25 5.57
N LEU C 143 -20.25 37.47 6.39
CA LEU C 143 -20.62 37.36 7.80
C LEU C 143 -20.38 38.69 8.51
N ALA C 144 -19.32 39.40 8.11
CA ALA C 144 -19.05 40.72 8.66
C ALA C 144 -20.11 41.72 8.23
N GLU C 145 -20.51 41.71 6.95
CA GLU C 145 -21.54 42.63 6.51
C GLU C 145 -22.82 42.46 7.33
N LEU C 146 -23.18 41.20 7.62
CA LEU C 146 -24.35 40.91 8.44
C LEU C 146 -24.15 41.38 9.87
N SER C 147 -22.95 41.14 10.40
CA SER C 147 -22.58 41.44 11.78
C SER C 147 -22.14 42.88 11.99
N GLY C 148 -21.98 43.66 10.92
CA GLY C 148 -21.53 45.03 11.07
C GLY C 148 -22.36 45.77 12.10
N GLN C 149 -23.46 45.16 12.52
CA GLN C 149 -24.36 45.84 13.41
C GLN C 149 -25.42 44.96 14.05
N PRO C 150 -25.77 45.20 15.32
CA PRO C 150 -26.91 44.47 15.90
C PRO C 150 -28.20 44.71 15.14
N GLY C 151 -29.02 43.68 15.10
CA GLY C 151 -30.33 43.77 14.45
C GLY C 151 -30.72 42.42 13.87
N THR C 152 -31.88 42.44 13.20
CA THR C 152 -32.39 41.27 12.50
C THR C 152 -31.90 41.25 11.07
N VAL C 153 -31.53 40.06 10.59
CA VAL C 153 -31.03 39.86 9.24
C VAL C 153 -31.63 38.58 8.67
N ASP C 154 -31.88 38.59 7.35
CA ASP C 154 -32.37 37.43 6.62
C ASP C 154 -31.16 36.71 6.03
N LEU C 155 -30.82 35.54 6.60
CA LEU C 155 -29.59 34.86 6.22
C LEU C 155 -29.60 34.32 4.80
N VAL C 156 -30.77 34.12 4.21
CA VAL C 156 -30.83 33.62 2.84
C VAL C 156 -30.32 34.69 1.87
N SER C 157 -30.89 35.89 1.93
CA SER C 157 -30.48 36.94 1.01
C SER C 157 -29.15 37.57 1.39
N ARG C 158 -28.81 37.60 2.68
CA ARG C 158 -27.61 38.28 3.15
C ARG C 158 -26.41 37.35 3.28
N PHE C 159 -26.60 36.04 3.23
CA PHE C 159 -25.47 35.12 3.35
C PHE C 159 -25.55 33.96 2.36
N ALA C 160 -26.56 33.10 2.48
CA ALA C 160 -26.58 31.88 1.65
C ALA C 160 -26.42 32.21 0.17
N ARG C 161 -27.26 33.10 -0.37
CA ARG C 161 -27.24 33.38 -1.80
C ARG C 161 -26.01 34.16 -2.21
N PRO C 162 -25.72 35.32 -1.62
CA PRO C 162 -24.51 36.05 -2.04
C PRO C 162 -23.23 35.25 -1.85
N VAL C 163 -23.15 34.40 -0.82
CA VAL C 163 -21.97 33.55 -0.65
C VAL C 163 -21.90 32.53 -1.77
N ALA C 164 -23.02 31.87 -2.07
CA ALA C 164 -23.05 30.88 -3.14
C ALA C 164 -22.65 31.49 -4.47
N LEU C 165 -23.23 32.64 -4.80
CA LEU C 165 -22.95 33.26 -6.09
C LEU C 165 -21.48 33.61 -6.22
N ARG C 166 -20.89 34.23 -5.18
CA ARG C 166 -19.46 34.55 -5.25
C ARG C 166 -18.60 33.30 -5.21
N THR C 167 -19.04 32.28 -4.48
CA THR C 167 -18.28 31.03 -4.43
C THR C 167 -18.17 30.38 -5.81
N ILE C 168 -19.31 30.25 -6.50
CA ILE C 168 -19.30 29.54 -7.78
C ILE C 168 -18.61 30.37 -8.85
N THR C 169 -18.81 31.70 -8.86
CA THR C 169 -18.12 32.53 -9.86
C THR C 169 -16.63 32.62 -9.56
N ALA C 170 -16.23 32.58 -8.29
CA ALA C 170 -14.81 32.49 -7.97
C ALA C 170 -14.21 31.21 -8.53
N PHE C 171 -14.89 30.07 -8.30
CA PHE C 171 -14.39 28.80 -8.79
C PHE C 171 -14.33 28.80 -10.31
N LEU C 172 -15.35 29.33 -10.98
CA LEU C 172 -15.37 29.42 -12.43
C LEU C 172 -14.37 30.44 -12.96
N GLY C 173 -13.90 31.36 -12.10
CA GLY C 173 -12.97 32.38 -12.52
C GLY C 173 -13.65 33.40 -13.40
N VAL C 174 -14.80 33.90 -12.99
CA VAL C 174 -15.55 34.90 -13.77
C VAL C 174 -16.11 35.94 -12.80
N PRO C 175 -16.37 37.14 -13.30
CA PRO C 175 -16.89 38.20 -12.42
C PRO C 175 -18.33 37.90 -12.04
N PRO C 176 -18.67 38.02 -10.75
CA PRO C 176 -20.04 37.69 -10.36
C PRO C 176 -21.03 38.58 -11.10
N PRO C 177 -22.13 38.01 -11.59
CA PRO C 177 -23.24 38.85 -12.08
C PRO C 177 -24.02 39.47 -10.92
N ASP C 178 -24.92 40.37 -11.28
CA ASP C 178 -25.77 40.98 -10.28
C ASP C 178 -26.54 39.90 -9.50
N GLY C 179 -26.49 39.99 -8.18
CA GLY C 179 -27.01 38.90 -7.36
C GLY C 179 -28.51 38.72 -7.47
N ALA C 180 -29.27 39.80 -7.30
CA ALA C 180 -30.73 39.69 -7.30
C ALA C 180 -31.24 39.21 -8.65
N GLY C 181 -30.70 39.76 -9.74
CA GLY C 181 -31.13 39.35 -11.06
C GLY C 181 -30.83 37.89 -11.33
N PHE C 182 -29.63 37.45 -10.97
CA PHE C 182 -29.29 36.05 -11.21
C PHE C 182 -30.21 35.13 -10.41
N GLU C 183 -30.44 35.46 -9.13
CA GLU C 183 -31.36 34.67 -8.31
C GLU C 183 -32.73 34.54 -8.98
N GLN C 184 -33.23 35.61 -9.61
CA GLN C 184 -34.53 35.53 -10.27
C GLN C 184 -34.48 34.55 -11.43
N TRP C 185 -33.45 34.65 -12.28
CA TRP C 185 -33.24 33.65 -13.33
C TRP C 185 -33.14 32.25 -12.74
N SER C 186 -32.17 32.06 -11.84
CA SER C 186 -31.87 30.73 -11.32
C SER C 186 -33.09 30.13 -10.62
N ASN C 187 -33.86 30.98 -9.94
CA ASN C 187 -35.07 30.53 -9.25
C ASN C 187 -36.12 30.02 -10.25
N ALA C 188 -36.27 30.67 -11.40
CA ALA C 188 -37.20 30.16 -12.39
C ALA C 188 -36.85 28.73 -12.78
N ILE C 189 -35.54 28.43 -12.90
CA ILE C 189 -35.12 27.08 -13.27
C ILE C 189 -35.42 26.09 -12.15
N VAL C 190 -35.15 26.46 -10.89
CA VAL C 190 -35.45 25.55 -9.79
C VAL C 190 -36.95 25.24 -9.75
N ARG C 191 -37.78 26.28 -9.84
N ARG C 191 -37.79 26.27 -9.84
CA ARG C 191 -39.23 26.06 -9.87
CA ARG C 191 -39.23 26.05 -9.85
C ARG C 191 -39.63 25.14 -11.00
C ARG C 191 -39.65 25.16 -11.01
N SER C 192 -38.97 25.29 -12.16
CA SER C 192 -39.35 24.51 -13.35
C SER C 192 -39.07 23.03 -13.17
N MET C 193 -38.25 22.67 -12.18
CA MET C 193 -38.05 21.24 -11.88
C MET C 193 -39.35 20.57 -11.42
N ASP C 194 -40.33 21.33 -10.94
CA ASP C 194 -41.63 20.85 -10.55
C ASP C 194 -42.72 21.10 -11.61
N ALA C 195 -42.33 21.29 -12.87
CA ALA C 195 -43.33 21.54 -13.91
C ALA C 195 -44.29 20.36 -14.03
N GLY C 196 -43.84 19.15 -13.66
CA GLY C 196 -44.77 18.03 -13.57
C GLY C 196 -45.90 18.28 -12.59
N ILE C 197 -45.67 19.06 -11.55
CA ILE C 197 -46.73 19.42 -10.60
C ILE C 197 -47.50 20.66 -11.06
N GLU C 198 -46.80 21.75 -11.42
CA GLU C 198 -47.39 23.01 -11.84
C GLU C 198 -46.89 23.27 -13.25
N PRO C 199 -47.61 22.82 -14.27
CA PRO C 199 -47.09 22.91 -15.65
C PRO C 199 -46.70 24.30 -16.09
N ALA C 200 -47.34 25.34 -15.55
CA ALA C 200 -47.02 26.72 -15.93
C ALA C 200 -45.57 27.10 -15.60
N ARG C 201 -44.94 26.41 -14.64
CA ARG C 201 -43.57 26.74 -14.27
C ARG C 201 -42.56 26.41 -15.35
N ALA C 202 -42.96 25.73 -16.43
CA ALA C 202 -41.96 25.25 -17.38
C ALA C 202 -41.41 26.39 -18.23
N GLU C 203 -42.30 27.23 -18.79
CA GLU C 203 -41.83 28.27 -19.71
C GLU C 203 -40.91 29.28 -19.03
N PRO C 204 -41.20 29.79 -17.82
CA PRO C 204 -40.25 30.72 -17.18
C PRO C 204 -38.87 30.14 -16.98
N GLY C 205 -38.78 28.82 -16.78
CA GLY C 205 -37.46 28.21 -16.66
C GLY C 205 -36.73 28.16 -17.97
N ASN C 206 -37.45 27.89 -19.07
CA ASN C 206 -36.81 27.83 -20.38
C ASN C 206 -36.17 29.17 -20.73
N GLN C 207 -36.86 30.27 -20.42
CA GLN C 207 -36.31 31.59 -20.70
C GLN C 207 -35.07 31.83 -19.86
N ALA C 208 -35.10 31.46 -18.57
CA ALA C 208 -33.95 31.65 -17.72
C ALA C 208 -32.78 30.75 -18.12
N ARG C 209 -33.06 29.52 -18.54
CA ARG C 209 -31.99 28.68 -19.07
C ARG C 209 -31.25 29.39 -20.19
N ALA C 210 -31.99 29.93 -21.16
CA ALA C 210 -31.37 30.68 -22.26
C ALA C 210 -30.57 31.85 -21.74
N GLU C 211 -31.01 32.48 -20.65
CA GLU C 211 -30.26 33.58 -20.07
C GLU C 211 -28.91 33.12 -19.52
N LEU C 212 -28.90 32.02 -18.76
CA LEU C 212 -27.63 31.48 -18.29
C LEU C 212 -26.80 30.97 -19.47
N SER C 213 -27.43 30.46 -20.52
CA SER C 213 -26.69 30.05 -21.70
C SER C 213 -25.90 31.20 -22.30
N ARG C 214 -26.48 32.41 -22.34
CA ARG C 214 -25.76 33.55 -22.90
C ARG C 214 -24.57 33.90 -22.02
N LEU C 215 -24.78 33.84 -20.70
CA LEU C 215 -23.73 34.08 -19.74
C LEU C 215 -22.57 33.09 -19.93
N VAL C 216 -22.89 31.80 -20.04
CA VAL C 216 -21.83 30.82 -20.26
C VAL C 216 -21.13 31.08 -21.58
N THR C 217 -21.89 31.40 -22.63
CA THR C 217 -21.28 31.72 -23.93
C THR C 217 -20.31 32.89 -23.81
N HIS C 218 -20.67 33.92 -23.02
CA HIS C 218 -19.79 35.07 -22.86
C HIS C 218 -18.48 34.72 -22.13
N TRP C 219 -18.60 33.92 -21.07
CA TRP C 219 -17.42 33.54 -20.28
C TRP C 219 -16.45 32.70 -21.08
N LEU C 220 -16.96 31.77 -21.88
CA LEU C 220 -16.10 30.96 -22.75
C LEU C 220 -15.29 31.84 -23.70
N ALA C 221 -15.86 32.96 -24.12
CA ALA C 221 -15.14 33.87 -25.01
C ALA C 221 -14.22 34.81 -24.25
N GLU C 222 -14.51 35.11 -22.98
CA GLU C 222 -13.84 36.21 -22.31
C GLU C 222 -13.10 35.88 -21.03
N ALA C 223 -13.38 34.74 -20.40
CA ALA C 223 -12.86 34.49 -19.06
C ALA C 223 -11.37 34.19 -19.10
N ASP C 224 -10.69 34.52 -18.01
CA ASP C 224 -9.25 34.26 -17.86
C ASP C 224 -8.97 32.76 -17.95
N GLU C 225 -7.71 32.44 -18.27
CA GLU C 225 -7.31 31.04 -18.27
C GLU C 225 -7.20 30.49 -16.84
N ARG C 226 -7.23 31.36 -15.84
CA ARG C 226 -7.29 30.93 -14.45
C ARG C 226 -8.74 30.74 -14.05
N GLY C 227 -9.12 29.52 -13.69
CA GLY C 227 -10.48 29.20 -13.29
C GLY C 227 -11.03 28.02 -14.06
N PHE C 228 -12.17 27.53 -13.57
CA PHE C 228 -12.73 26.32 -14.15
C PHE C 228 -13.12 26.55 -15.61
N VAL C 229 -13.79 27.66 -15.92
CA VAL C 229 -14.17 27.94 -17.30
C VAL C 229 -12.94 27.92 -18.20
N GLY C 230 -11.88 28.63 -17.79
CA GLY C 230 -10.65 28.64 -18.57
C GLY C 230 -10.02 27.26 -18.72
N ALA C 231 -9.97 26.49 -17.64
CA ALA C 231 -9.39 25.16 -17.71
C ALA C 231 -10.25 24.21 -18.56
N ALA C 232 -11.58 24.36 -18.49
CA ALA C 232 -12.49 23.55 -19.30
C ALA C 232 -12.40 23.91 -20.77
N ARG C 233 -12.19 25.19 -21.06
CA ARG C 233 -11.99 25.65 -22.42
C ARG C 233 -10.69 25.12 -23.00
N ARG C 234 -9.64 25.03 -22.18
CA ARG C 234 -8.38 24.51 -22.71
C ARG C 234 -8.48 23.02 -22.96
N ALA C 235 -9.06 22.29 -22.00
CA ALA C 235 -9.24 20.84 -22.15
C ALA C 235 -10.04 20.50 -23.41
N ALA C 236 -11.06 21.30 -23.74
CA ALA C 236 -11.88 21.03 -24.90
C ALA C 236 -11.10 21.15 -26.20
N ARG C 237 -9.98 21.88 -26.20
CA ARG C 237 -9.15 21.96 -27.38
C ARG C 237 -8.37 20.66 -27.59
N ALA C 238 -7.94 20.03 -26.50
CA ALA C 238 -7.21 18.77 -26.60
C ALA C 238 -8.14 17.57 -26.70
N GLN C 239 -9.40 17.74 -26.31
CA GLN C 239 -10.38 16.67 -26.37
C GLN C 239 -11.33 16.92 -27.54
N ASP C 240 -12.19 15.92 -27.80
CA ASP C 240 -13.33 16.10 -28.68
C ASP C 240 -14.60 15.84 -27.86
N VAL C 241 -15.29 16.92 -27.51
CA VAL C 241 -16.64 16.89 -26.95
C VAL C 241 -17.40 17.93 -27.77
N PRO C 242 -18.56 17.60 -28.34
CA PRO C 242 -19.33 18.63 -29.05
C PRO C 242 -19.45 19.91 -28.24
N ALA C 243 -19.40 21.05 -28.93
CA ALA C 243 -19.42 22.35 -28.24
C ALA C 243 -20.72 22.57 -27.46
N ALA C 244 -21.83 21.96 -27.91
CA ALA C 244 -23.09 22.12 -27.22
C ALA C 244 -23.09 21.38 -25.89
N VAL C 245 -22.44 20.23 -25.83
CA VAL C 245 -22.34 19.51 -24.56
C VAL C 245 -21.45 20.28 -23.58
N LEU C 246 -20.38 20.92 -24.09
CA LEU C 246 -19.53 21.72 -23.22
C LEU C 246 -20.32 22.87 -22.61
N ALA C 247 -20.94 23.71 -23.45
CA ALA C 247 -21.67 24.88 -22.95
C ALA C 247 -22.78 24.46 -21.97
N ASN C 248 -23.61 23.49 -22.37
CA ASN C 248 -24.69 23.04 -21.50
C ASN C 248 -24.15 22.53 -20.18
N SER C 249 -23.07 21.75 -20.20
CA SER C 249 -22.51 21.20 -18.97
C SER C 249 -21.94 22.30 -18.09
N LEU C 250 -21.19 23.24 -18.68
CA LEU C 250 -20.72 24.39 -17.92
C LEU C 250 -21.89 25.15 -17.32
N ARG C 251 -23.01 25.23 -18.04
CA ARG C 251 -24.21 25.85 -17.49
C ARG C 251 -24.74 25.04 -16.31
N ALA C 252 -24.67 23.70 -16.42
CA ALA C 252 -25.02 22.84 -15.29
C ALA C 252 -24.12 23.13 -14.09
N VAL C 253 -22.82 23.31 -14.32
CA VAL C 253 -21.88 23.61 -13.23
C VAL C 253 -22.27 24.91 -12.55
N LEU C 254 -22.49 25.97 -13.34
CA LEU C 254 -22.97 27.23 -12.81
C LEU C 254 -24.24 27.05 -11.97
N HIS C 255 -25.28 26.48 -12.59
CA HIS C 255 -26.58 26.47 -11.93
C HIS C 255 -26.58 25.52 -10.76
N ALA C 256 -25.96 24.35 -10.93
CA ALA C 256 -25.90 23.36 -9.85
C ALA C 256 -25.08 23.89 -8.69
N GLY C 257 -23.93 24.50 -8.98
CA GLY C 257 -23.07 25.07 -7.96
C GLY C 257 -23.81 26.10 -7.15
N TYR C 258 -24.36 27.13 -7.81
CA TYR C 258 -25.11 28.17 -7.10
C TYR C 258 -26.19 27.57 -6.20
N GLU C 259 -27.12 26.85 -6.81
CA GLU C 259 -28.34 26.52 -6.08
C GLU C 259 -28.12 25.41 -5.07
N SER C 260 -27.18 24.49 -5.35
CA SER C 260 -26.90 23.42 -4.39
C SER C 260 -26.22 24.00 -3.17
N VAL C 261 -25.19 24.83 -3.35
CA VAL C 261 -24.55 25.50 -2.21
C VAL C 261 -25.52 26.47 -1.53
N SER C 262 -26.26 27.24 -2.33
CA SER C 262 -27.19 28.22 -1.75
C SER C 262 -28.22 27.55 -0.83
N ARG C 263 -28.86 26.48 -1.30
CA ARG C 263 -29.92 25.86 -0.52
C ARG C 263 -29.37 24.97 0.59
N LEU C 264 -28.21 24.35 0.37
CA LEU C 264 -27.51 23.68 1.47
C LEU C 264 -27.23 24.66 2.60
N LEU C 265 -26.56 25.77 2.29
CA LEU C 265 -26.27 26.79 3.30
C LEU C 265 -27.54 27.27 3.99
N GLY C 266 -28.62 27.46 3.22
CA GLY C 266 -29.87 27.87 3.84
C GLY C 266 -30.36 26.86 4.85
N GLY C 267 -30.41 25.58 4.46
CA GLY C 267 -30.89 24.55 5.36
C GLY C 267 -29.98 24.37 6.57
N VAL C 268 -28.66 24.43 6.35
CA VAL C 268 -27.69 24.28 7.44
C VAL C 268 -27.84 25.41 8.44
N LEU C 269 -27.88 26.66 7.93
CA LEU C 269 -28.07 27.81 8.81
C LEU C 269 -29.37 27.71 9.59
N ALA C 270 -30.42 27.17 8.98
CA ALA C 270 -31.69 27.00 9.68
C ALA C 270 -31.54 26.07 10.89
N ARG C 271 -30.79 24.98 10.74
CA ARG C 271 -30.59 24.05 11.86
C ARG C 271 -29.66 24.64 12.90
N LEU C 272 -28.67 25.44 12.47
CA LEU C 272 -27.69 25.99 13.40
C LEU C 272 -28.27 27.10 14.27
N VAL C 273 -29.24 27.87 13.75
CA VAL C 273 -29.83 28.90 14.59
C VAL C 273 -30.69 28.26 15.68
N ARG C 274 -31.32 27.11 15.37
CA ARG C 274 -32.07 26.38 16.39
C ARG C 274 -31.17 25.58 17.31
N HIS C 275 -30.05 25.08 16.79
CA HIS C 275 -29.16 24.19 17.54
C HIS C 275 -27.75 24.76 17.47
N PRO C 276 -27.53 25.93 18.08
CA PRO C 276 -26.18 26.51 18.08
C PRO C 276 -25.15 25.60 18.74
N GLU C 277 -25.59 24.66 19.58
CA GLU C 277 -24.67 23.72 20.21
C GLU C 277 -23.90 22.88 19.19
N LEU C 278 -24.40 22.76 17.97
CA LEU C 278 -23.69 21.99 16.95
C LEU C 278 -22.31 22.56 16.67
N LEU C 279 -22.14 23.87 16.83
CA LEU C 279 -20.87 24.53 16.54
C LEU C 279 -19.94 24.57 17.75
N ALA C 280 -20.37 24.10 18.91
CA ALA C 280 -19.53 24.12 20.09
C ALA C 280 -18.65 22.89 20.19
N GLY C 281 -18.62 22.06 19.14
CA GLY C 281 -17.84 20.85 19.12
C GLY C 281 -16.35 21.13 19.15
N PRO C 282 -15.54 20.08 18.94
CA PRO C 282 -14.08 20.27 19.05
C PRO C 282 -13.52 21.29 18.06
N ALA C 283 -14.14 21.43 16.90
CA ALA C 283 -13.71 22.37 15.87
C ALA C 283 -12.36 22.02 15.25
N THR C 284 -11.94 20.75 15.32
CA THR C 284 -10.82 20.29 14.52
C THR C 284 -11.32 19.96 13.11
N ARG C 285 -10.37 19.67 12.22
CA ARG C 285 -10.74 19.39 10.84
C ARG C 285 -11.53 18.07 10.75
N ASP C 286 -11.02 16.99 11.37
CA ASP C 286 -11.72 15.70 11.31
C ASP C 286 -13.03 15.69 12.10
N ALA C 287 -13.12 16.48 13.17
CA ALA C 287 -14.40 16.58 13.88
C ALA C 287 -15.45 17.20 12.98
N ASP C 288 -15.09 18.25 12.24
CA ASP C 288 -15.99 18.89 11.31
C ASP C 288 -16.25 18.02 10.08
N GLU C 289 -15.35 17.10 9.75
CA GLU C 289 -15.63 16.10 8.71
C GLU C 289 -16.91 15.32 9.02
N ALA C 290 -17.04 14.85 10.28
CA ALA C 290 -18.24 14.14 10.69
C ALA C 290 -19.43 15.08 10.78
N LEU C 291 -19.23 16.26 11.35
CA LEU C 291 -20.33 17.22 11.45
C LEU C 291 -20.81 17.66 10.07
N VAL C 292 -19.87 18.00 9.17
CA VAL C 292 -20.26 18.37 7.82
C VAL C 292 -21.04 17.25 7.16
N ASP C 293 -20.57 16.01 7.34
CA ASP C 293 -21.19 14.84 6.72
C ASP C 293 -22.64 14.69 7.20
N GLU C 294 -22.88 14.93 8.49
CA GLU C 294 -24.23 14.85 9.01
C GLU C 294 -25.09 15.97 8.47
N LEU C 295 -24.55 17.20 8.42
CA LEU C 295 -25.33 18.32 7.91
C LEU C 295 -25.71 18.10 6.46
N ILE C 296 -24.80 17.51 5.67
CA ILE C 296 -25.12 17.23 4.29
C ILE C 296 -26.15 16.10 4.20
N ARG C 297 -26.02 15.07 5.04
CA ARG C 297 -27.01 14.00 5.03
C ARG C 297 -28.40 14.53 5.38
N LEU C 298 -28.46 15.38 6.40
CA LEU C 298 -29.77 15.84 6.86
C LEU C 298 -30.33 16.97 6.00
N ASP C 299 -29.50 17.92 5.61
CA ASP C 299 -29.96 19.16 5.00
C ASP C 299 -29.55 19.29 3.53
N GLY C 300 -29.04 18.23 2.92
CA GLY C 300 -28.76 18.22 1.51
C GLY C 300 -29.99 18.71 0.77
N PRO C 301 -29.82 19.64 -0.16
CA PRO C 301 -31.01 20.25 -0.74
C PRO C 301 -31.72 19.37 -1.74
N VAL C 302 -31.03 18.40 -2.37
CA VAL C 302 -31.65 17.63 -3.44
C VAL C 302 -32.62 16.61 -2.83
N GLN C 303 -33.92 16.84 -3.05
CA GLN C 303 -34.98 15.95 -2.57
C GLN C 303 -35.38 14.88 -3.58
N ALA C 304 -35.09 15.07 -4.85
CA ALA C 304 -35.49 14.13 -5.88
C ALA C 304 -34.44 14.07 -6.98
N ASP C 305 -34.14 12.86 -7.41
CA ASP C 305 -33.11 12.58 -8.42
C ASP C 305 -33.69 11.52 -9.34
N ALA C 306 -33.97 11.89 -10.58
CA ALA C 306 -34.80 11.08 -11.46
C ALA C 306 -33.97 10.18 -12.37
N ARG C 307 -34.57 9.06 -12.75
CA ARG C 307 -33.98 8.10 -13.67
C ARG C 307 -35.11 7.46 -14.49
N VAL C 308 -34.75 6.88 -15.62
CA VAL C 308 -35.64 6.04 -16.41
C VAL C 308 -35.14 4.60 -16.37
N CYS C 309 -36.06 3.65 -16.28
CA CYS C 309 -35.70 2.26 -16.47
C CYS C 309 -35.46 1.98 -17.96
N VAL C 310 -34.29 1.41 -18.27
CA VAL C 310 -33.90 1.12 -19.64
C VAL C 310 -34.14 -0.35 -19.93
N ARG C 311 -34.08 -1.18 -18.89
CA ARG C 311 -34.27 -2.62 -19.00
C ARG C 311 -34.97 -3.10 -17.74
N ASP C 312 -35.96 -3.98 -17.91
CA ASP C 312 -36.69 -4.56 -16.79
C ASP C 312 -35.72 -4.97 -15.70
N GLN C 313 -36.05 -4.63 -14.47
CA GLN C 313 -35.14 -4.88 -13.35
C GLN C 313 -35.95 -4.68 -12.07
N PRO C 314 -35.90 -5.62 -11.13
CA PRO C 314 -36.56 -5.40 -9.83
C PRO C 314 -35.85 -4.35 -8.97
N VAL C 315 -36.64 -3.51 -8.31
CA VAL C 315 -36.13 -2.54 -7.34
C VAL C 315 -36.88 -2.66 -6.01
N GLN C 318 -41.03 -4.08 -5.96
CA GLN C 318 -41.63 -3.91 -7.28
C GLN C 318 -40.71 -4.33 -8.41
N LEU C 319 -41.31 -4.70 -9.54
CA LEU C 319 -40.57 -4.91 -10.77
C LEU C 319 -40.78 -3.68 -11.63
N VAL C 320 -39.69 -3.00 -11.94
CA VAL C 320 -39.75 -1.80 -12.77
C VAL C 320 -39.53 -2.19 -14.21
N ARG C 321 -40.30 -1.57 -15.10
CA ARG C 321 -40.33 -1.90 -16.52
C ARG C 321 -39.65 -0.84 -17.34
N ARG C 322 -39.16 -1.24 -18.52
CA ARG C 322 -38.56 -0.31 -19.46
C ARG C 322 -39.52 0.84 -19.74
N GLY C 323 -38.99 2.06 -19.72
CA GLY C 323 -39.78 3.25 -19.94
C GLY C 323 -40.30 3.91 -18.68
N ASP C 324 -40.37 3.17 -17.57
CA ASP C 324 -40.83 3.77 -16.33
C ASP C 324 -39.82 4.78 -15.82
N VAL C 325 -40.35 5.87 -15.26
CA VAL C 325 -39.55 6.90 -14.62
C VAL C 325 -39.49 6.60 -13.13
N LEU C 326 -38.29 6.70 -12.56
CA LEU C 326 -38.09 6.52 -11.13
C LEU C 326 -37.65 7.85 -10.53
N VAL C 327 -38.39 8.34 -9.56
CA VAL C 327 -38.00 9.53 -8.81
C VAL C 327 -37.38 9.02 -7.51
N LEU C 328 -36.06 9.19 -7.40
CA LEU C 328 -35.32 8.74 -6.22
C LEU C 328 -35.34 9.86 -5.19
N PHE C 329 -36.01 9.62 -4.05
CA PHE C 329 -36.09 10.62 -2.97
C PHE C 329 -34.85 10.44 -2.11
N ILE C 330 -33.70 10.90 -2.62
CA ILE C 330 -32.44 10.58 -1.94
C ILE C 330 -32.38 11.20 -0.55
N ALA C 331 -33.06 12.33 -0.33
CA ALA C 331 -33.11 12.91 1.02
C ALA C 331 -33.89 12.00 1.96
N ALA C 332 -34.95 11.37 1.45
CA ALA C 332 -35.67 10.36 2.22
C ALA C 332 -34.79 9.14 2.49
N ALA C 333 -34.05 8.68 1.48
CA ALA C 333 -33.11 7.58 1.68
C ALA C 333 -32.14 7.91 2.80
N ASN C 334 -31.67 9.17 2.86
CA ASN C 334 -30.74 9.59 3.90
C ASN C 334 -31.36 9.63 5.30
N ARG C 335 -32.67 9.36 5.45
CA ARG C 335 -33.29 9.21 6.78
C ARG C 335 -33.86 7.79 6.94
N ASP C 336 -33.41 6.84 6.14
CA ASP C 336 -33.87 5.46 6.27
C ASP C 336 -33.39 4.87 7.59
N PRO C 337 -34.28 4.52 8.54
CA PRO C 337 -33.80 4.03 9.85
C PRO C 337 -33.03 2.73 9.77
N ALA C 338 -33.21 1.94 8.70
CA ALA C 338 -32.46 0.70 8.56
C ALA C 338 -30.96 0.97 8.44
N VAL C 339 -30.60 2.14 7.88
CA VAL C 339 -29.20 2.52 7.68
C VAL C 339 -28.75 3.60 8.66
N PHE C 340 -29.64 4.49 9.07
CA PHE C 340 -29.32 5.61 9.94
C PHE C 340 -30.26 5.55 11.13
N PRO C 341 -29.95 4.71 12.13
CA PRO C 341 -30.78 4.71 13.35
C PRO C 341 -30.85 6.11 13.94
N ASP C 342 -32.01 6.45 14.49
CA ASP C 342 -32.32 7.83 14.90
C ASP C 342 -32.05 8.78 13.73
N PRO C 343 -32.70 8.61 12.59
CA PRO C 343 -32.23 9.28 11.37
C PRO C 343 -32.36 10.80 11.40
N ASP C 344 -33.25 11.36 12.20
CA ASP C 344 -33.43 12.81 12.22
C ASP C 344 -32.45 13.51 13.12
N ALA C 345 -31.54 12.79 13.76
CA ALA C 345 -30.60 13.40 14.70
C ALA C 345 -29.20 13.49 14.09
N VAL C 346 -28.51 14.58 14.40
CA VAL C 346 -27.08 14.68 14.13
C VAL C 346 -26.36 13.71 15.07
N ARG C 347 -25.65 12.74 14.48
CA ARG C 347 -24.86 11.77 15.24
C ARG C 347 -23.49 11.71 14.58
N LEU C 348 -22.45 12.05 15.34
CA LEU C 348 -21.13 12.30 14.78
C LEU C 348 -20.26 11.06 14.70
N THR C 349 -20.80 9.90 15.11
CA THR C 349 -20.07 8.64 15.08
C THR C 349 -20.68 7.64 14.09
N ARG C 350 -21.49 8.12 13.15
CA ARG C 350 -21.95 7.26 12.08
C ARG C 350 -20.79 6.92 11.15
N ARG C 351 -20.93 5.82 10.44
CA ARG C 351 -19.94 5.44 9.43
C ARG C 351 -20.02 6.40 8.24
N ARG C 352 -18.85 6.82 7.77
CA ARG C 352 -18.75 7.73 6.65
C ARG C 352 -19.03 7.01 5.34
N GLY C 353 -19.33 7.79 4.30
CA GLY C 353 -19.52 7.27 2.98
C GLY C 353 -20.87 6.65 2.72
N LEU C 354 -21.85 6.86 3.60
CA LEU C 354 -23.16 6.24 3.43
C LEU C 354 -24.20 7.15 2.76
N HIS C 355 -24.27 8.43 3.12
CA HIS C 355 -25.37 9.27 2.65
C HIS C 355 -25.33 9.43 1.14
N LEU C 356 -26.51 9.65 0.54
CA LEU C 356 -26.66 9.76 -0.91
C LEU C 356 -26.90 11.19 -1.38
N ALA C 357 -26.62 12.18 -0.54
CA ALA C 357 -26.95 13.57 -0.87
C ALA C 357 -26.11 14.10 -2.03
N PHE C 358 -24.96 13.48 -2.34
CA PHE C 358 -24.17 13.81 -3.53
C PHE C 358 -24.41 12.81 -4.66
N GLY C 359 -25.46 12.00 -4.54
CA GLY C 359 -25.69 10.92 -5.49
C GLY C 359 -24.69 9.80 -5.29
N ARG C 360 -24.50 9.03 -6.36
CA ARG C 360 -23.60 7.89 -6.31
C ARG C 360 -23.43 7.32 -7.70
N GLY C 361 -22.25 6.73 -7.95
CA GLY C 361 -21.98 6.16 -9.26
C GLY C 361 -21.48 7.17 -10.27
N ALA C 362 -21.91 6.98 -11.52
CA ALA C 362 -21.29 7.69 -12.63
C ALA C 362 -21.52 9.19 -12.55
N HIS C 363 -22.72 9.60 -12.14
CA HIS C 363 -23.10 11.00 -12.09
C HIS C 363 -22.88 11.64 -10.72
N ALA C 364 -22.26 10.93 -9.78
CA ALA C 364 -22.03 11.45 -8.43
C ALA C 364 -21.47 12.86 -8.53
N CYS C 365 -21.95 13.73 -7.63
CA CYS C 365 -21.69 15.16 -7.72
C CYS C 365 -20.24 15.47 -8.04
N LEU C 366 -20.01 16.18 -9.13
CA LEU C 366 -18.67 16.65 -9.47
C LEU C 366 -18.12 17.62 -8.42
N GLY C 367 -18.99 18.38 -7.76
CA GLY C 367 -18.56 19.40 -6.84
C GLY C 367 -18.57 18.99 -5.38
N ALA C 368 -18.72 17.68 -5.09
CA ALA C 368 -18.88 17.22 -3.71
C ALA C 368 -17.69 17.68 -2.87
N GLY C 369 -16.46 17.49 -3.37
CA GLY C 369 -15.29 17.96 -2.67
C GLY C 369 -15.31 19.47 -2.48
N LEU C 370 -15.76 20.20 -3.50
CA LEU C 370 -15.88 21.63 -3.36
C LEU C 370 -16.94 22.02 -2.33
N ALA C 371 -18.06 21.30 -2.34
CA ALA C 371 -19.15 21.64 -1.43
C ALA C 371 -18.77 21.39 0.02
N THR C 372 -18.14 20.24 0.30
CA THR C 372 -17.76 19.93 1.68
C THR C 372 -16.67 20.88 2.15
N LEU C 373 -15.74 21.21 1.26
CA LEU C 373 -14.76 22.23 1.58
C LEU C 373 -15.45 23.54 1.94
N GLN C 374 -16.40 23.97 1.09
CA GLN C 374 -17.03 25.26 1.31
C GLN C 374 -17.81 25.27 2.62
N LEU C 375 -18.50 24.17 2.94
CA LEU C 375 -19.27 24.09 4.18
C LEU C 375 -18.33 24.13 5.40
N ARG C 376 -17.21 23.43 5.36
CA ARG C 376 -16.25 23.54 6.45
C ARG C 376 -15.88 25.01 6.70
N GLU C 377 -15.50 25.72 5.62
CA GLU C 377 -15.04 27.10 5.76
C GLU C 377 -16.13 28.01 6.31
N VAL C 378 -17.39 27.72 5.98
CA VAL C 378 -18.49 28.46 6.60
C VAL C 378 -18.52 28.20 8.09
N LEU C 379 -18.41 26.93 8.50
CA LEU C 379 -18.36 26.60 9.92
C LEU C 379 -17.24 27.36 10.62
N GLY C 380 -16.04 27.38 10.01
CA GLY C 380 -14.93 28.08 10.63
C GLY C 380 -15.21 29.56 10.78
N ALA C 381 -15.77 30.17 9.74
CA ALA C 381 -16.11 31.58 9.80
C ALA C 381 -17.15 31.84 10.90
N LEU C 382 -18.12 30.93 11.04
CA LEU C 382 -19.12 31.08 12.10
C LEU C 382 -18.48 31.01 13.46
N ARG C 383 -17.56 30.07 13.65
CA ARG C 383 -16.90 29.94 14.95
C ARG C 383 -15.95 31.11 15.23
N ALA C 384 -15.22 31.57 14.21
CA ALA C 384 -14.32 32.70 14.41
C ALA C 384 -15.08 34.00 14.65
N GLY C 385 -16.34 34.09 14.20
CA GLY C 385 -17.14 35.28 14.43
C GLY C 385 -17.69 35.38 15.83
N GLY C 386 -17.88 34.25 16.51
CA GLY C 386 -18.46 34.30 17.84
C GLY C 386 -19.80 34.97 17.90
N LEU C 387 -20.47 35.09 16.77
CA LEU C 387 -21.78 35.72 16.72
C LEU C 387 -22.84 34.86 17.40
N ARG C 388 -23.77 35.53 18.07
CA ARG C 388 -25.00 34.89 18.53
C ARG C 388 -26.06 35.09 17.46
N LEU C 389 -26.41 34.00 16.76
CA LEU C 389 -27.46 34.03 15.73
C LEU C 389 -28.68 33.31 16.30
N ALA C 390 -29.72 34.08 16.62
CA ALA C 390 -30.94 33.56 17.21
C ALA C 390 -32.13 33.78 16.30
N PRO C 391 -33.07 32.83 16.22
CA PRO C 391 -34.25 33.05 15.38
C PRO C 391 -34.93 34.37 15.74
N ALA C 392 -35.15 35.21 14.72
CA ALA C 392 -35.88 36.46 14.86
C ALA C 392 -37.26 36.38 14.23
N GLY C 393 -37.92 35.22 14.31
CA GLY C 393 -39.19 35.01 13.68
C GLY C 393 -39.21 33.67 12.96
N PRO C 394 -40.35 33.32 12.37
CA PRO C 394 -40.44 32.02 11.71
C PRO C 394 -39.65 31.97 10.42
N ALA C 395 -39.12 30.77 10.13
CA ALA C 395 -38.49 30.49 8.85
C ALA C 395 -39.56 30.31 7.80
N ALA C 396 -39.40 30.95 6.65
CA ALA C 396 -40.33 30.82 5.54
C ALA C 396 -39.67 30.00 4.44
N TYR C 397 -40.35 28.92 4.02
CA TYR C 397 -39.85 28.03 2.98
C TYR C 397 -40.57 28.30 1.66
N GLU C 398 -39.86 28.06 0.56
CA GLU C 398 -40.34 28.30 -0.80
C GLU C 398 -41.07 27.07 -1.36
N PRO C 399 -42.08 27.26 -2.24
CA PRO C 399 -42.78 26.09 -2.82
C PRO C 399 -41.99 25.39 -3.92
N THR C 400 -40.90 24.75 -3.50
CA THR C 400 -40.05 23.95 -4.36
C THR C 400 -39.87 22.56 -3.74
N ALA C 401 -40.26 21.53 -4.47
CA ALA C 401 -40.23 20.17 -3.94
C ALA C 401 -39.00 19.40 -4.38
N THR C 402 -38.47 19.68 -5.57
CA THR C 402 -37.30 18.94 -6.07
C THR C 402 -36.05 19.40 -5.36
N LEU C 403 -35.92 20.70 -5.15
CA LEU C 403 -34.79 21.29 -4.45
C LEU C 403 -35.38 21.94 -3.21
N ARG C 404 -34.92 21.50 -2.04
CA ARG C 404 -35.44 22.07 -0.82
C ARG C 404 -34.98 23.50 -0.68
N GLY C 405 -35.90 24.41 -0.36
CA GLY C 405 -35.42 25.76 -0.16
C GLY C 405 -36.11 26.65 0.85
N LEU C 406 -35.28 27.39 1.61
CA LEU C 406 -35.75 28.48 2.44
C LEU C 406 -35.94 29.72 1.58
N ALA C 407 -37.06 30.40 1.81
CA ALA C 407 -37.30 31.71 1.20
C ALA C 407 -36.65 32.84 2.00
N GLU C 408 -36.60 32.70 3.32
CA GLU C 408 -36.18 33.76 4.22
C GLU C 408 -35.87 33.09 5.56
N LEU C 409 -34.80 33.55 6.21
CA LEU C 409 -34.39 33.06 7.52
C LEU C 409 -34.09 34.22 8.45
N PRO C 410 -35.11 34.81 9.09
CA PRO C 410 -34.86 35.97 9.97
C PRO C 410 -34.19 35.53 11.26
N VAL C 411 -33.07 36.17 11.58
CA VAL C 411 -32.30 35.89 12.77
C VAL C 411 -31.83 37.21 13.36
N SER C 412 -31.45 37.18 14.63
CA SER C 412 -30.85 38.32 15.29
C SER C 412 -29.36 38.08 15.45
N VAL C 413 -28.58 39.14 15.28
CA VAL C 413 -27.12 39.08 15.39
C VAL C 413 -26.71 39.79 16.68
N ARG C 414 -25.84 39.15 17.46
CA ARG C 414 -25.38 39.71 18.72
C ARG C 414 -23.92 39.33 18.96
#